data_6JLA
#
_entry.id   6JLA
#
_cell.length_a   56.966
_cell.length_b   59.671
_cell.length_c   137.336
_cell.angle_alpha   90.00
_cell.angle_beta   101.29
_cell.angle_gamma   90.00
#
_symmetry.space_group_name_H-M   'P 1 21 1'
#
loop_
_entity.id
_entity.type
_entity.pdbx_description
1 polymer 'Mammalian ependymin-related protein 1'
2 branched 2-acetamido-2-deoxy-beta-D-glucopyranose-(1-4)-[alpha-L-fucopyranose-(1-6)]2-acetamido-2-deoxy-beta-D-glucopyranose
3 non-polymer 2-acetamido-2-deoxy-beta-D-glucopyranose
4 water water
#
_entity_poly.entity_id   1
_entity_poly.type   'polypeptide(L)'
_entity_poly.pdbx_seq_one_letter_code
;ADPHHHHHHHHTPQPCQAPQQWEGRQVLYQQSSGHNNRALVSYDGLNQRVRVLDERKALIPCKRLFEYILLYKEGVMFQI
EQATKQCAKIPLVESWDPLDIPQNSTFEDQYSIGGPQEQILVQEWSDRRTARSYETWIGVYTAKDCYPVQETFIRNYTVV
MSTRFFDVQLGIKDPSVFTPPSTCQAAQPEKMSDGCSL
;
_entity_poly.pdbx_strand_id   A,B,D,C
#
# COMPACT_ATOMS: atom_id res chain seq x y z
N PRO A 13 15.99 15.99 4.30
CA PRO A 13 14.77 15.16 4.46
C PRO A 13 13.90 15.23 3.22
N GLN A 14 13.47 14.06 2.74
CA GLN A 14 13.02 13.84 1.38
C GLN A 14 11.59 13.17 1.39
N PRO A 15 10.62 13.64 0.55
CA PRO A 15 9.33 12.96 0.41
C PRO A 15 9.39 11.45 0.29
N CYS A 16 8.78 10.73 1.22
CA CYS A 16 8.64 9.27 1.11
C CYS A 16 7.44 8.88 0.23
N GLN A 17 7.24 7.57 0.05
CA GLN A 17 6.16 6.99 -0.77
C GLN A 17 5.11 6.34 0.10
N ALA A 18 3.94 6.96 0.18
CA ALA A 18 2.86 6.37 0.99
C ALA A 18 2.31 5.08 0.34
N PRO A 19 1.93 4.08 1.13
CA PRO A 19 1.44 2.87 0.49
C PRO A 19 0.14 3.12 -0.25
N GLN A 20 -0.03 2.43 -1.38
CA GLN A 20 -1.13 2.73 -2.26
C GLN A 20 -2.36 1.87 -1.95
N GLN A 21 -2.22 0.87 -1.11
CA GLN A 21 -3.33 0.07 -0.67
C GLN A 21 -3.22 -0.19 0.80
N TRP A 22 -4.25 0.24 1.54
CA TRP A 22 -4.35 -0.06 2.98
C TRP A 22 -5.78 0.09 3.52
N GLU A 23 -6.01 -0.48 4.69
CA GLU A 23 -7.25 -0.41 5.45
C GLU A 23 -6.95 -0.10 6.89
N GLY A 24 -7.87 0.62 7.49
CA GLY A 24 -7.71 1.12 8.86
C GLY A 24 -8.90 1.95 9.28
N ARG A 25 -8.65 3.00 10.04
CA ARG A 25 -9.73 3.77 10.66
C ARG A 25 -9.37 5.21 10.73
N GLN A 26 -10.37 6.08 10.65
CA GLN A 26 -10.12 7.48 10.61
C GLN A 26 -11.13 8.29 11.47
N VAL A 27 -10.71 9.52 11.80
CA VAL A 27 -11.51 10.51 12.43
C VAL A 27 -11.40 11.73 11.54
N LEU A 28 -12.54 12.14 11.02
CA LEU A 28 -12.67 13.34 10.23
C LEU A 28 -13.38 14.35 11.08
N TYR A 29 -12.71 15.49 11.17
CA TYR A 29 -13.13 16.64 11.88
C TYR A 29 -13.50 17.75 10.88
N GLN A 30 -14.57 18.48 11.12
CA GLN A 30 -14.90 19.62 10.24
C GLN A 30 -15.05 20.89 11.02
N GLN A 31 -14.56 21.97 10.44
CA GLN A 31 -14.50 23.23 11.14
C GLN A 31 -15.88 23.82 11.24
N SER A 32 -16.64 23.72 10.16
CA SER A 32 -17.94 24.36 10.12
C SER A 32 -18.83 23.82 11.26
N SER A 33 -18.89 22.51 11.43
CA SER A 33 -19.70 21.90 12.48
C SER A 33 -19.00 21.79 13.84
N GLY A 34 -17.68 21.89 13.88
CA GLY A 34 -16.94 21.49 15.09
C GLY A 34 -17.11 20.03 15.56
N HIS A 35 -17.42 19.13 14.63
CA HIS A 35 -17.63 17.71 14.94
C HIS A 35 -16.56 16.76 14.40
N ASN A 36 -16.37 15.66 15.13
CA ASN A 36 -15.63 14.46 14.71
C ASN A 36 -16.49 13.30 14.21
N ASN A 37 -16.08 12.68 13.10
CA ASN A 37 -16.83 11.60 12.47
C ASN A 37 -15.90 10.44 12.26
N ARG A 38 -16.24 9.33 12.88
CA ARG A 38 -15.40 8.17 12.88
C ARG A 38 -15.82 7.17 11.80
N ALA A 39 -14.85 6.56 11.11
CA ALA A 39 -15.16 5.55 10.10
C ALA A 39 -14.06 4.49 9.94
N LEU A 40 -14.46 3.31 9.47
CA LEU A 40 -13.52 2.34 8.92
C LEU A 40 -13.24 2.81 7.50
N VAL A 41 -12.02 2.59 7.00
CA VAL A 41 -11.71 3.09 5.69
C VAL A 41 -10.87 2.09 4.91
N SER A 42 -11.23 1.87 3.65
CA SER A 42 -10.34 1.11 2.78
C SER A 42 -9.87 2.02 1.66
N TYR A 43 -8.57 2.19 1.55
CA TYR A 43 -8.02 3.10 0.57
C TYR A 43 -7.31 2.28 -0.53
N ASP A 44 -7.78 2.43 -1.76
CA ASP A 44 -7.20 1.71 -2.89
C ASP A 44 -6.79 2.72 -3.97
N GLY A 45 -5.56 3.18 -3.84
CA GLY A 45 -5.01 4.14 -4.74
C GLY A 45 -4.60 3.58 -6.07
N LEU A 46 -4.37 2.29 -6.18
CA LEU A 46 -4.18 1.72 -7.51
C LEU A 46 -5.46 1.86 -8.34
N ASN A 47 -6.61 1.64 -7.72
CA ASN A 47 -7.86 1.66 -8.48
C ASN A 47 -8.62 2.92 -8.25
N GLN A 48 -7.99 3.87 -7.56
CA GLN A 48 -8.59 5.16 -7.28
C GLN A 48 -9.96 4.99 -6.71
N ARG A 49 -10.04 4.25 -5.61
CA ARG A 49 -11.31 4.10 -4.94
C ARG A 49 -11.17 3.98 -3.46
N VAL A 50 -12.18 4.49 -2.74
CA VAL A 50 -12.18 4.55 -1.30
C VAL A 50 -13.49 4.06 -0.88
N ARG A 51 -13.48 3.36 0.24
CA ARG A 51 -14.65 2.92 0.93
C ARG A 51 -14.61 3.40 2.41
N VAL A 52 -15.63 4.11 2.84
CA VAL A 52 -15.69 4.66 4.18
C VAL A 52 -16.93 4.09 4.87
N LEU A 53 -16.77 3.55 6.07
CA LEU A 53 -17.89 2.99 6.77
C LEU A 53 -18.05 3.66 8.12
N ASP A 54 -19.09 4.48 8.26
CA ASP A 54 -19.34 5.20 9.52
C ASP A 54 -19.49 4.24 10.64
N GLU A 55 -18.91 4.64 11.75
CA GLU A 55 -18.70 3.80 12.91
C GLU A 55 -19.20 4.66 14.06
N ARG A 56 -19.40 4.09 15.24
CA ARG A 56 -19.97 4.86 16.35
C ARG A 56 -19.34 4.51 17.71
N LYS A 57 -18.85 5.51 18.43
CA LYS A 57 -18.36 5.27 19.79
C LYS A 57 -19.52 5.26 20.77
N ALA A 58 -20.58 6.00 20.45
CA ALA A 58 -21.75 6.10 21.33
C ALA A 58 -22.96 6.58 20.55
N LEU A 59 -24.11 6.61 21.23
CA LEU A 59 -25.44 6.70 20.58
C LEU A 59 -26.15 8.09 20.63
N ILE A 60 -25.57 9.05 21.36
CA ILE A 60 -25.75 10.54 21.21
C ILE A 60 -27.17 11.03 20.84
N PRO A 61 -27.30 12.10 20.01
CA PRO A 61 -28.52 12.05 19.19
C PRO A 61 -28.40 10.95 18.15
N CYS A 62 -29.57 10.53 17.65
CA CYS A 62 -29.69 9.49 16.65
C CYS A 62 -29.18 9.99 15.30
N LYS A 63 -28.14 9.35 14.78
CA LYS A 63 -27.63 9.66 13.45
C LYS A 63 -27.73 8.37 12.69
N ARG A 64 -28.20 8.44 11.47
CA ARG A 64 -28.14 7.26 10.58
C ARG A 64 -26.70 7.02 10.13
N LEU A 65 -26.35 5.76 9.94
CA LEU A 65 -25.03 5.37 9.55
C LEU A 65 -25.01 4.96 8.08
N PHE A 66 -24.00 5.44 7.38
CA PHE A 66 -23.85 5.09 5.96
C PHE A 66 -22.53 4.44 5.61
N GLU A 67 -22.50 3.91 4.41
CA GLU A 67 -21.30 3.40 3.84
C GLU A 67 -21.18 4.16 2.55
N TYR A 68 -19.96 4.58 2.22
CA TYR A 68 -19.71 5.32 1.00
C TYR A 68 -18.71 4.60 0.16
N ILE A 69 -19.01 4.40 -1.10
CA ILE A 69 -18.06 3.79 -2.00
C ILE A 69 -17.78 4.76 -3.08
N LEU A 70 -16.54 5.18 -3.17
CA LEU A 70 -16.18 6.29 -4.05
C LEU A 70 -15.37 5.70 -5.16
N LEU A 71 -15.90 5.82 -6.37
CA LEU A 71 -15.30 5.18 -7.53
C LEU A 71 -14.97 6.27 -8.53
N TYR A 72 -13.71 6.72 -8.46
CA TYR A 72 -13.27 7.93 -9.16
C TYR A 72 -13.06 7.70 -10.62
N LYS A 73 -12.55 6.53 -10.98
CA LYS A 73 -12.49 6.13 -12.39
C LYS A 73 -13.86 6.16 -13.12
N GLU A 74 -14.94 5.97 -12.37
CA GLU A 74 -16.30 5.98 -12.92
C GLU A 74 -17.07 7.27 -12.67
N GLY A 75 -16.55 8.17 -11.87
CA GLY A 75 -17.23 9.45 -11.64
C GLY A 75 -18.38 9.39 -10.65
N VAL A 76 -18.40 8.36 -9.81
CA VAL A 76 -19.49 8.19 -8.85
C VAL A 76 -19.14 7.74 -7.45
N MET A 77 -20.06 8.10 -6.56
CA MET A 77 -20.02 7.76 -5.17
C MET A 77 -21.37 7.10 -4.83
N PHE A 78 -21.31 5.99 -4.12
CA PHE A 78 -22.47 5.33 -3.63
C PHE A 78 -22.56 5.54 -2.14
N GLN A 79 -23.73 6.00 -1.74
CA GLN A 79 -24.08 6.15 -0.34
C GLN A 79 -25.08 5.08 -0.01
N ILE A 80 -24.81 4.33 1.04
CA ILE A 80 -25.57 3.17 1.34
C ILE A 80 -25.89 3.11 2.82
N GLU A 81 -27.16 3.01 3.21
CA GLU A 81 -27.51 2.99 4.63
C GLU A 81 -27.24 1.62 5.14
N GLN A 82 -26.61 1.54 6.29
CA GLN A 82 -25.94 0.32 6.69
C GLN A 82 -26.88 -0.85 6.97
N ALA A 83 -28.05 -0.59 7.52
CA ALA A 83 -28.91 -1.71 7.90
C ALA A 83 -29.78 -2.11 6.68
N THR A 84 -30.45 -1.14 6.10
CA THR A 84 -31.45 -1.39 5.10
C THR A 84 -30.88 -1.50 3.72
N LYS A 85 -29.61 -1.10 3.57
CA LYS A 85 -28.91 -1.10 2.29
C LYS A 85 -29.58 -0.27 1.22
N GLN A 86 -30.41 0.66 1.63
CA GLN A 86 -30.94 1.69 0.72
C GLN A 86 -29.83 2.59 0.17
N CYS A 87 -29.93 3.02 -1.09
CA CYS A 87 -28.77 3.50 -1.83
C CYS A 87 -28.97 4.75 -2.68
N ALA A 88 -28.06 5.70 -2.60
CA ALA A 88 -28.07 6.84 -3.52
C ALA A 88 -26.89 6.79 -4.50
N LYS A 89 -27.06 7.35 -5.70
CA LYS A 89 -25.97 7.39 -6.65
C LYS A 89 -25.75 8.83 -6.94
N ILE A 90 -24.56 9.29 -6.58
CA ILE A 90 -24.23 10.68 -6.66
C ILE A 90 -22.97 10.83 -7.44
N PRO A 91 -22.97 11.71 -8.44
CA PRO A 91 -21.75 11.88 -9.27
C PRO A 91 -20.59 12.49 -8.47
N LEU A 92 -19.36 12.16 -8.85
CA LEU A 92 -18.18 12.63 -8.12
C LEU A 92 -17.50 13.68 -8.95
N VAL A 93 -17.52 14.92 -8.49
CA VAL A 93 -16.99 16.03 -9.29
C VAL A 93 -15.49 16.15 -9.09
N GLU A 94 -15.07 16.04 -7.83
CA GLU A 94 -13.66 16.07 -7.39
C GLU A 94 -12.81 15.05 -8.15
N SER A 95 -11.72 15.46 -8.77
CA SER A 95 -10.88 14.47 -9.42
C SER A 95 -9.99 13.82 -8.39
N TRP A 96 -9.39 12.71 -8.79
CA TRP A 96 -8.63 11.85 -7.89
C TRP A 96 -7.38 12.54 -7.37
N ASP A 97 -7.25 12.57 -6.06
CA ASP A 97 -6.09 13.08 -5.38
C ASP A 97 -5.58 12.00 -4.40
N PRO A 98 -4.47 11.34 -4.73
CA PRO A 98 -4.02 10.26 -3.84
C PRO A 98 -3.57 10.78 -2.47
N LEU A 99 -3.61 9.89 -1.51
CA LEU A 99 -3.21 10.17 -0.16
C LEU A 99 -1.71 9.83 -0.07
N ASP A 100 -0.87 10.75 -0.48
CA ASP A 100 0.59 10.56 -0.55
C ASP A 100 1.25 11.92 -0.38
N ILE A 101 2.56 11.97 -0.44
CA ILE A 101 3.22 13.25 -0.36
C ILE A 101 3.62 13.57 -1.77
N PRO A 102 3.08 14.63 -2.37
CA PRO A 102 3.57 14.90 -3.69
C PRO A 102 5.11 15.00 -3.61
N GLN A 103 5.81 14.59 -4.68
CA GLN A 103 7.28 14.71 -4.69
C GLN A 103 7.80 16.15 -4.62
N ASN A 104 6.92 17.13 -4.83
CA ASN A 104 7.24 18.54 -4.71
C ASN A 104 6.74 19.26 -3.46
N SER A 105 6.44 18.52 -2.40
CA SER A 105 6.00 19.14 -1.15
C SER A 105 7.13 19.90 -0.47
N THR A 106 6.71 20.93 0.26
CA THR A 106 7.53 21.67 1.20
C THR A 106 7.69 20.95 2.55
N PHE A 107 8.92 20.64 2.97
CA PHE A 107 9.15 20.00 4.28
C PHE A 107 8.85 21.03 5.37
N GLU A 108 8.05 20.68 6.37
CA GLU A 108 7.67 21.64 7.44
C GLU A 108 8.33 21.34 8.80
N ASP A 109 8.44 20.06 9.15
CA ASP A 109 8.90 19.73 10.49
C ASP A 109 8.95 18.26 10.68
N GLN A 110 9.67 17.87 11.71
CA GLN A 110 9.76 16.48 12.06
C GLN A 110 9.74 16.35 13.57
N TYR A 111 9.02 15.39 14.12
CA TYR A 111 8.96 15.25 15.56
C TYR A 111 8.55 13.86 15.96
N SER A 112 8.69 13.59 17.24
CA SER A 112 8.36 12.30 17.74
C SER A 112 7.08 12.30 18.57
N ILE A 113 6.37 11.19 18.51
CA ILE A 113 5.22 10.96 19.32
C ILE A 113 5.60 9.82 20.20
N GLY A 114 5.48 10.02 21.50
CA GLY A 114 5.90 9.02 22.48
C GLY A 114 7.31 9.21 23.00
N GLY A 115 7.78 8.22 23.77
CA GLY A 115 9.07 8.28 24.43
C GLY A 115 9.78 6.96 24.29
N PRO A 116 10.78 6.70 25.16
CA PRO A 116 11.87 5.74 24.99
C PRO A 116 11.50 4.37 24.44
N GLN A 117 10.74 3.58 25.19
CA GLN A 117 10.46 2.23 24.68
C GLN A 117 9.44 2.18 23.52
N GLU A 118 8.84 3.32 23.19
CA GLU A 118 7.67 3.37 22.30
C GLU A 118 7.59 4.73 21.68
N GLN A 119 8.20 4.86 20.52
CA GLN A 119 8.35 6.17 19.92
C GLN A 119 8.28 5.99 18.42
N ILE A 120 7.68 6.94 17.72
CA ILE A 120 7.81 6.97 16.29
C ILE A 120 8.08 8.36 15.89
N LEU A 121 8.72 8.44 14.74
CA LEU A 121 9.06 9.67 14.12
C LEU A 121 8.08 9.92 12.99
N VAL A 122 7.58 11.16 12.92
CA VAL A 122 6.69 11.58 11.86
C VAL A 122 7.21 12.82 11.24
N GLN A 123 6.83 13.05 10.00
CA GLN A 123 7.22 14.28 9.27
C GLN A 123 5.99 15.02 8.76
N GLU A 124 6.12 16.31 8.70
CA GLU A 124 5.01 17.13 8.35
C GLU A 124 5.39 17.81 7.07
N TRP A 125 4.48 17.70 6.10
CA TRP A 125 4.75 18.18 4.78
C TRP A 125 3.66 19.08 4.37
N SER A 126 3.99 20.02 3.52
CA SER A 126 2.98 20.89 3.13
C SER A 126 3.02 21.40 1.72
N ASP A 127 2.08 22.29 1.55
CA ASP A 127 1.73 22.94 0.35
C ASP A 127 2.43 24.30 0.23
N ARG A 128 2.97 24.80 1.31
CA ARG A 128 3.29 26.21 1.41
C ARG A 128 4.38 26.63 0.45
N ARG A 129 4.20 27.79 -0.19
CA ARG A 129 5.25 28.43 -1.03
C ARG A 129 5.88 29.58 -0.20
N THR A 130 7.14 29.42 0.14
CA THR A 130 7.80 30.38 1.00
C THR A 130 7.82 31.71 0.24
N ALA A 131 7.34 32.78 0.88
CA ALA A 131 7.35 34.13 0.28
C ALA A 131 6.16 34.42 -0.63
N ARG A 132 5.45 33.40 -1.10
CA ARG A 132 4.09 33.61 -1.60
C ARG A 132 3.15 33.03 -0.55
N SER A 133 2.27 33.87 -0.02
CA SER A 133 1.62 33.57 1.26
C SER A 133 0.45 32.56 1.21
N TYR A 134 0.69 31.36 0.68
CA TYR A 134 -0.38 30.36 0.52
C TYR A 134 0.00 28.98 1.02
N GLU A 135 -1.01 28.30 1.57
CA GLU A 135 -0.95 26.94 2.08
C GLU A 135 -2.39 26.39 2.17
N THR A 136 -2.65 25.26 1.52
CA THR A 136 -3.97 24.62 1.53
C THR A 136 -3.99 23.17 2.08
N TRP A 137 -2.83 22.59 2.28
CA TRP A 137 -2.76 21.21 2.63
C TRP A 137 -1.52 20.93 3.48
N ILE A 138 -1.73 20.22 4.58
CA ILE A 138 -0.66 19.70 5.39
C ILE A 138 -0.86 18.23 5.63
N GLY A 139 0.20 17.46 5.48
CA GLY A 139 0.15 16.03 5.65
C GLY A 139 1.19 15.56 6.64
N VAL A 140 0.78 14.67 7.56
CA VAL A 140 1.67 14.04 8.50
C VAL A 140 1.75 12.52 8.17
N TYR A 141 2.99 12.07 8.04
CA TYR A 141 3.29 10.70 7.72
C TYR A 141 4.48 10.26 8.53
N THR A 142 4.58 8.98 8.74
CA THR A 142 5.62 8.46 9.58
C THR A 142 6.88 8.51 8.73
N ALA A 143 8.03 8.70 9.36
CA ALA A 143 9.26 9.03 8.64
C ALA A 143 9.82 7.89 7.81
N LYS A 144 9.84 6.71 8.36
CA LYS A 144 10.52 5.62 7.71
C LYS A 144 9.61 5.04 6.65
N ASP A 145 8.46 4.53 7.06
CA ASP A 145 7.57 3.82 6.15
C ASP A 145 6.45 4.64 5.51
N CYS A 146 6.35 5.92 5.84
CA CYS A 146 5.40 6.79 5.16
C CYS A 146 3.93 6.40 5.34
N TYR A 147 3.59 5.76 6.45
CA TYR A 147 2.19 5.53 6.82
C TYR A 147 1.54 6.88 7.09
N PRO A 148 0.28 7.08 6.64
CA PRO A 148 -0.40 8.36 6.84
C PRO A 148 -0.92 8.47 8.29
N VAL A 149 -0.80 9.65 8.88
CA VAL A 149 -1.19 9.92 10.28
C VAL A 149 -2.28 11.01 10.31
N GLN A 150 -2.10 12.09 9.58
CA GLN A 150 -3.04 13.17 9.61
C GLN A 150 -2.97 13.96 8.34
N GLU A 151 -4.08 14.52 7.88
CA GLU A 151 -4.16 15.30 6.69
C GLU A 151 -5.09 16.46 7.03
N THR A 152 -4.72 17.66 6.62
CA THR A 152 -5.48 18.83 6.98
C THR A 152 -5.60 19.74 5.76
N PHE A 153 -6.80 20.26 5.51
CA PHE A 153 -7.02 21.20 4.46
C PHE A 153 -7.30 22.58 5.05
N ILE A 154 -6.69 23.56 4.38
CA ILE A 154 -6.60 24.94 4.83
C ILE A 154 -7.10 25.91 3.77
N ARG A 155 -7.68 27.01 4.24
CA ARG A 155 -8.14 28.11 3.42
C ARG A 155 -7.88 29.39 4.17
N ASN A 156 -7.05 30.29 3.63
CA ASN A 156 -6.73 31.57 4.31
C ASN A 156 -6.32 31.34 5.76
N TYR A 157 -5.33 30.48 5.97
CA TYR A 157 -4.77 30.26 7.30
C TYR A 157 -5.77 29.56 8.24
N THR A 158 -6.84 29.03 7.72
CA THR A 158 -7.89 28.55 8.56
C THR A 158 -8.24 27.14 8.17
N VAL A 159 -8.35 26.30 9.19
CA VAL A 159 -8.52 24.89 8.94
C VAL A 159 -9.91 24.63 8.41
N VAL A 160 -10.03 23.89 7.32
CA VAL A 160 -11.33 23.49 6.87
C VAL A 160 -11.76 22.13 7.44
N MET A 161 -10.92 21.12 7.25
CA MET A 161 -11.09 19.81 7.84
C MET A 161 -9.76 19.06 7.99
N SER A 162 -9.77 18.04 8.81
CA SER A 162 -8.57 17.33 9.14
C SER A 162 -9.01 15.93 9.44
N THR A 163 -8.27 14.98 8.95
CA THR A 163 -8.57 13.59 9.16
C THR A 163 -7.37 12.92 9.83
N ARG A 164 -7.63 12.13 10.87
CA ARG A 164 -6.52 11.34 11.45
C ARG A 164 -6.73 9.91 11.15
N PHE A 165 -5.62 9.21 10.90
CA PHE A 165 -5.66 7.79 10.58
C PHE A 165 -5.07 6.86 11.62
N PHE A 166 -5.63 5.68 11.79
CA PHE A 166 -5.16 4.71 12.82
C PHE A 166 -5.28 3.28 12.33
N ASP A 167 -4.55 2.35 12.98
CA ASP A 167 -4.71 0.90 12.76
C ASP A 167 -4.52 0.57 11.27
N VAL A 168 -3.56 1.21 10.66
CA VAL A 168 -3.29 1.04 9.25
C VAL A 168 -2.72 -0.35 8.98
N GLN A 169 -3.44 -1.15 8.18
CA GLN A 169 -2.94 -2.48 7.71
C GLN A 169 -2.74 -2.40 6.21
N LEU A 170 -1.55 -2.79 5.75
CA LEU A 170 -1.28 -2.85 4.31
C LEU A 170 -2.18 -3.82 3.57
N GLY A 171 -2.50 -3.45 2.35
CA GLY A 171 -3.32 -4.26 1.50
C GLY A 171 -4.81 -4.04 1.65
N ILE A 172 -5.53 -4.74 0.78
CA ILE A 172 -6.97 -4.80 0.80
C ILE A 172 -7.34 -6.23 1.08
N LYS A 173 -8.09 -6.48 2.15
CA LYS A 173 -8.36 -7.84 2.58
C LYS A 173 -9.38 -8.54 1.63
N ASP A 174 -10.23 -7.74 0.99
CA ASP A 174 -11.32 -8.23 0.19
C ASP A 174 -11.84 -7.13 -0.74
N PRO A 175 -11.44 -7.18 -2.01
CA PRO A 175 -11.81 -6.12 -2.95
C PRO A 175 -13.30 -5.95 -3.21
N SER A 176 -14.09 -6.93 -2.80
CA SER A 176 -15.53 -6.85 -2.92
C SER A 176 -16.12 -5.67 -2.22
N VAL A 177 -15.40 -5.12 -1.20
CA VAL A 177 -15.93 -3.97 -0.42
C VAL A 177 -16.21 -2.80 -1.34
N PHE A 178 -15.53 -2.75 -2.49
CA PHE A 178 -15.81 -1.67 -3.47
C PHE A 178 -16.99 -2.00 -4.43
N THR A 179 -17.57 -3.18 -4.29
CA THR A 179 -18.67 -3.58 -5.12
C THR A 179 -19.97 -3.27 -4.40
N PRO A 180 -20.75 -2.37 -4.95
CA PRO A 180 -21.94 -1.96 -4.24
C PRO A 180 -23.00 -3.05 -4.33
N PRO A 181 -23.98 -3.01 -3.43
CA PRO A 181 -25.02 -4.00 -3.45
C PRO A 181 -26.10 -3.70 -4.52
N SER A 182 -26.93 -4.69 -4.77
CA SER A 182 -27.86 -4.69 -5.89
C SER A 182 -28.70 -3.43 -5.94
N THR A 183 -29.17 -3.04 -4.76
CA THR A 183 -29.99 -1.85 -4.55
C THR A 183 -29.43 -0.60 -5.20
N CYS A 184 -28.13 -0.58 -5.43
CA CYS A 184 -27.52 0.58 -6.02
C CYS A 184 -27.78 0.68 -7.51
N GLN A 185 -28.53 -0.29 -8.04
CA GLN A 185 -29.24 -0.09 -9.29
C GLN A 185 -30.33 1.01 -9.14
N ALA A 186 -31.12 0.91 -8.06
CA ALA A 186 -32.19 1.88 -7.73
C ALA A 186 -31.62 3.28 -7.46
N ALA A 187 -31.06 3.87 -8.50
CA ALA A 187 -30.23 5.05 -8.38
C ALA A 187 -30.97 6.28 -7.82
N GLN A 188 -31.50 6.18 -6.60
CA GLN A 188 -32.10 7.36 -5.97
C GLN A 188 -31.04 8.44 -6.06
N PRO A 189 -31.23 9.46 -6.90
CA PRO A 189 -30.13 10.40 -7.07
C PRO A 189 -29.99 11.48 -5.98
N GLU A 190 -30.84 11.50 -4.96
CA GLU A 190 -30.67 12.41 -3.81
C GLU A 190 -29.88 11.78 -2.63
N LYS A 191 -28.95 12.53 -2.03
CA LYS A 191 -28.21 12.03 -0.88
C LYS A 191 -29.14 11.90 0.26
N MET A 192 -28.96 10.86 1.07
CA MET A 192 -29.86 10.66 2.19
C MET A 192 -29.47 11.55 3.35
N SER A 193 -30.47 12.07 4.05
CA SER A 193 -30.23 13.01 5.15
C SER A 193 -29.59 12.33 6.35
N ASP A 194 -28.93 13.14 7.15
CA ASP A 194 -28.19 12.63 8.28
C ASP A 194 -29.10 12.26 9.45
N GLY A 195 -30.26 12.90 9.53
CA GLY A 195 -31.14 12.73 10.68
C GLY A 195 -32.10 11.58 10.48
N CYS A 196 -32.73 11.15 11.57
CA CYS A 196 -33.64 9.99 11.58
C CYS A 196 -35.06 10.35 11.19
N PRO B 13 12.87 3.05 -26.53
CA PRO B 13 11.92 2.08 -27.09
C PRO B 13 10.49 2.41 -26.69
N GLN B 14 9.59 2.32 -27.67
CA GLN B 14 8.20 2.77 -27.47
C GLN B 14 7.35 1.56 -27.54
N PRO B 15 6.17 1.60 -26.92
CA PRO B 15 5.37 0.39 -26.90
C PRO B 15 4.73 0.17 -28.25
N CYS B 16 5.00 -0.98 -28.85
CA CYS B 16 4.30 -1.44 -30.03
C CYS B 16 2.80 -1.64 -29.68
N GLN B 17 2.02 -1.92 -30.72
CA GLN B 17 0.59 -2.03 -30.59
C GLN B 17 0.20 -3.51 -30.66
N ALA B 18 -0.41 -4.03 -29.60
CA ALA B 18 -0.77 -5.41 -29.60
C ALA B 18 -2.01 -5.60 -30.53
N PRO B 19 -2.10 -6.74 -31.19
CA PRO B 19 -3.32 -6.96 -31.96
C PRO B 19 -4.55 -6.92 -31.09
N GLN B 20 -5.57 -6.23 -31.58
CA GLN B 20 -6.77 -6.09 -30.81
C GLN B 20 -7.86 -7.14 -31.09
N GLN B 21 -7.58 -8.09 -32.00
CA GLN B 21 -8.44 -9.20 -32.26
C GLN B 21 -7.66 -10.45 -32.50
N TRP B 22 -7.87 -11.49 -31.69
CA TRP B 22 -7.17 -12.74 -31.96
C TRP B 22 -7.76 -13.90 -31.23
N GLU B 23 -7.35 -15.09 -31.63
CA GLU B 23 -7.78 -16.36 -30.98
C GLU B 23 -6.61 -17.21 -30.74
N GLY B 24 -6.65 -17.91 -29.63
CA GLY B 24 -5.54 -18.75 -29.25
C GLY B 24 -5.86 -19.42 -27.93
N ARG B 25 -4.81 -19.63 -27.12
CA ARG B 25 -4.96 -20.44 -25.90
C ARG B 25 -4.27 -19.73 -24.75
N GLN B 26 -4.61 -20.13 -23.53
CA GLN B 26 -4.07 -19.47 -22.39
C GLN B 26 -4.07 -20.36 -21.14
N VAL B 27 -3.17 -19.99 -20.20
CA VAL B 27 -3.23 -20.51 -18.83
C VAL B 27 -3.30 -19.36 -17.85
N LEU B 28 -4.33 -19.36 -17.03
CA LEU B 28 -4.60 -18.29 -16.06
C LEU B 28 -4.46 -18.80 -14.62
N TYR B 29 -3.53 -18.26 -13.85
CA TYR B 29 -3.43 -18.51 -12.45
C TYR B 29 -4.06 -17.39 -11.68
N GLN B 30 -4.89 -17.74 -10.70
CA GLN B 30 -5.41 -16.75 -9.73
C GLN B 30 -5.19 -17.26 -8.35
N GLN B 31 -4.72 -16.37 -7.51
CA GLN B 31 -4.48 -16.64 -6.13
C GLN B 31 -5.79 -17.12 -5.49
N SER B 32 -6.90 -16.53 -5.87
CA SER B 32 -8.21 -16.95 -5.33
C SER B 32 -8.64 -18.37 -5.74
N SER B 33 -8.20 -18.86 -6.90
CA SER B 33 -8.51 -20.22 -7.35
CA SER B 33 -8.54 -20.21 -7.31
C SER B 33 -7.50 -21.18 -6.79
N GLY B 34 -6.24 -20.77 -6.82
CA GLY B 34 -5.13 -21.54 -6.29
C GLY B 34 -4.36 -22.36 -7.31
N HIS B 35 -4.88 -22.43 -8.53
CA HIS B 35 -4.21 -23.19 -9.55
C HIS B 35 -4.47 -22.59 -10.95
N ASN B 36 -3.85 -23.27 -11.91
CA ASN B 36 -3.71 -22.82 -13.25
C ASN B 36 -4.86 -23.38 -14.03
N ASN B 37 -5.65 -22.52 -14.69
CA ASN B 37 -6.70 -22.94 -15.65
C ASN B 37 -6.37 -22.72 -17.13
N ARG B 38 -6.58 -23.73 -17.95
CA ARG B 38 -6.25 -23.70 -19.35
C ARG B 38 -7.46 -23.53 -20.19
N ALA B 39 -7.37 -22.70 -21.22
CA ALA B 39 -8.53 -22.42 -21.98
C ALA B 39 -8.20 -21.97 -23.37
N LEU B 40 -9.11 -22.23 -24.29
CA LEU B 40 -9.08 -21.52 -25.54
C LEU B 40 -9.67 -20.16 -25.27
N VAL B 41 -9.17 -19.17 -26.00
CA VAL B 41 -9.65 -17.87 -25.74
C VAL B 41 -9.85 -17.18 -27.07
N SER B 42 -10.95 -16.44 -27.16
CA SER B 42 -11.15 -15.47 -28.23
C SER B 42 -11.18 -14.08 -27.70
N TYR B 43 -10.29 -13.23 -28.20
CA TYR B 43 -10.17 -11.88 -27.66
C TYR B 43 -10.58 -10.85 -28.72
N ASP B 44 -11.65 -10.11 -28.45
CA ASP B 44 -12.05 -9.06 -29.34
C ASP B 44 -11.98 -7.75 -28.62
N GLY B 45 -10.80 -7.12 -28.72
CA GLY B 45 -10.55 -5.86 -28.01
C GLY B 45 -11.32 -4.69 -28.58
N LEU B 46 -11.59 -4.68 -29.89
CA LEU B 46 -12.39 -3.59 -30.55
C LEU B 46 -13.81 -3.50 -30.02
N ASN B 47 -14.41 -4.64 -29.69
CA ASN B 47 -15.77 -4.65 -29.15
C ASN B 47 -15.89 -5.05 -27.69
N GLN B 48 -14.76 -5.21 -27.01
CA GLN B 48 -14.78 -5.53 -25.57
C GLN B 48 -15.53 -6.77 -25.22
N ARG B 49 -15.21 -7.84 -25.96
CA ARG B 49 -15.80 -9.13 -25.74
C ARG B 49 -14.69 -10.13 -25.63
N VAL B 50 -14.87 -11.16 -24.83
CA VAL B 50 -13.91 -12.20 -24.67
C VAL B 50 -14.67 -13.50 -24.50
N ARG B 51 -14.25 -14.54 -25.19
CA ARG B 51 -14.83 -15.85 -24.94
C ARG B 51 -13.75 -16.78 -24.42
N VAL B 52 -14.05 -17.54 -23.39
CA VAL B 52 -13.07 -18.39 -22.77
C VAL B 52 -13.66 -19.78 -22.61
N LEU B 53 -12.97 -20.76 -23.14
CA LEU B 53 -13.45 -22.10 -23.11
C LEU B 53 -12.45 -23.01 -22.37
N ASP B 54 -12.86 -23.50 -21.19
CA ASP B 54 -12.04 -24.42 -20.36
C ASP B 54 -11.57 -25.58 -21.16
N GLU B 55 -10.29 -25.94 -21.12
CA GLU B 55 -9.86 -27.10 -21.91
C GLU B 55 -9.99 -28.38 -21.09
N ARG B 56 -10.36 -29.47 -21.79
CA ARG B 56 -10.61 -30.79 -21.21
C ARG B 56 -9.36 -31.43 -20.55
N LYS B 57 -8.53 -32.11 -21.36
CA LYS B 57 -7.54 -33.15 -20.94
C LYS B 57 -7.01 -33.19 -19.48
N ALA B 58 -7.19 -34.34 -18.84
CA ALA B 58 -6.46 -34.72 -17.63
C ALA B 58 -6.52 -33.71 -16.46
N LEU B 59 -7.69 -33.11 -16.23
CA LEU B 59 -7.92 -32.34 -14.99
C LEU B 59 -8.79 -33.12 -14.00
N ILE B 60 -8.85 -32.66 -12.74
CA ILE B 60 -9.75 -33.25 -11.73
C ILE B 60 -11.16 -33.41 -12.30
N PRO B 61 -11.66 -34.65 -12.40
CA PRO B 61 -12.96 -34.95 -13.04
C PRO B 61 -14.14 -34.51 -12.17
N CYS B 62 -15.34 -34.38 -12.75
CA CYS B 62 -16.57 -34.01 -12.01
C CYS B 62 -16.57 -32.56 -11.47
N LYS B 63 -15.39 -31.97 -11.31
CA LYS B 63 -15.19 -30.52 -11.34
C LYS B 63 -15.50 -30.15 -12.77
N ARG B 64 -16.55 -29.37 -12.98
CA ARG B 64 -17.13 -29.24 -14.32
C ARG B 64 -16.52 -28.16 -15.22
N LEU B 65 -16.60 -28.42 -16.53
CA LEU B 65 -16.03 -27.57 -17.56
C LEU B 65 -17.00 -26.49 -18.05
N PHE B 66 -16.49 -25.25 -18.07
CA PHE B 66 -17.26 -24.09 -18.42
C PHE B 66 -16.83 -23.37 -19.65
N GLU B 67 -17.79 -22.63 -20.21
CA GLU B 67 -17.56 -21.61 -21.21
C GLU B 67 -18.00 -20.28 -20.66
N TYR B 68 -17.20 -19.24 -20.87
CA TYR B 68 -17.52 -17.89 -20.42
C TYR B 68 -17.51 -17.00 -21.59
N ILE B 69 -18.47 -16.08 -21.61
CA ILE B 69 -18.59 -15.13 -22.61
C ILE B 69 -18.75 -13.81 -21.94
N LEU B 70 -17.75 -12.95 -22.07
CA LEU B 70 -17.74 -11.69 -21.36
C LEU B 70 -18.06 -10.54 -22.29
N LEU B 71 -19.12 -9.81 -22.00
CA LEU B 71 -19.52 -8.75 -22.87
C LEU B 71 -19.54 -7.50 -22.02
N TYR B 72 -18.45 -6.73 -22.12
CA TYR B 72 -18.26 -5.55 -21.24
C TYR B 72 -19.18 -4.41 -21.59
N LYS B 73 -19.60 -4.34 -22.84
CA LYS B 73 -20.54 -3.31 -23.21
C LYS B 73 -21.92 -3.56 -22.67
N GLU B 74 -22.22 -4.79 -22.29
CA GLU B 74 -23.53 -5.08 -21.79
C GLU B 74 -23.53 -5.18 -20.30
N GLY B 75 -22.36 -5.12 -19.69
CA GLY B 75 -22.22 -5.31 -18.26
C GLY B 75 -22.43 -6.72 -17.78
N VAL B 76 -22.43 -7.70 -18.70
CA VAL B 76 -22.66 -9.09 -18.31
C VAL B 76 -21.64 -10.11 -18.81
N MET B 77 -21.61 -11.22 -18.09
CA MET B 77 -20.86 -12.42 -18.42
C MET B 77 -21.84 -13.60 -18.42
N PHE B 78 -21.80 -14.44 -19.45
CA PHE B 78 -22.53 -15.69 -19.42
C PHE B 78 -21.57 -16.81 -19.13
N GLN B 79 -22.03 -17.72 -18.29
CA GLN B 79 -21.30 -18.94 -18.00
C GLN B 79 -22.16 -20.10 -18.41
N ILE B 80 -21.53 -21.07 -19.07
CA ILE B 80 -22.25 -22.11 -19.77
C ILE B 80 -21.52 -23.40 -19.45
N GLU B 81 -22.16 -24.29 -18.71
CA GLU B 81 -21.60 -25.64 -18.50
C GLU B 81 -21.52 -26.34 -19.83
N GLN B 82 -20.41 -26.99 -20.12
CA GLN B 82 -20.16 -27.43 -21.50
C GLN B 82 -21.08 -28.59 -21.90
N ALA B 83 -21.23 -29.54 -20.98
CA ALA B 83 -21.93 -30.78 -21.26
C ALA B 83 -23.44 -30.57 -21.30
N THR B 84 -23.99 -29.98 -20.24
CA THR B 84 -25.41 -29.70 -20.16
C THR B 84 -25.90 -28.47 -20.91
N LYS B 85 -25.07 -27.47 -21.10
CA LYS B 85 -25.47 -26.21 -21.69
C LYS B 85 -26.45 -25.40 -20.85
N GLN B 86 -26.47 -25.68 -19.56
CA GLN B 86 -27.12 -24.81 -18.58
C GLN B 86 -26.35 -23.52 -18.41
N CYS B 87 -27.06 -22.40 -18.27
CA CYS B 87 -26.47 -21.10 -18.41
C CYS B 87 -26.75 -20.18 -17.25
N ALA B 88 -25.72 -19.37 -16.92
CA ALA B 88 -25.83 -18.34 -15.89
C ALA B 88 -25.44 -17.02 -16.48
N LYS B 89 -26.13 -16.01 -16.05
CA LYS B 89 -25.91 -14.66 -16.47
C LYS B 89 -25.59 -13.88 -15.22
N ILE B 90 -24.45 -13.19 -15.25
CA ILE B 90 -23.80 -12.64 -14.08
C ILE B 90 -23.41 -11.22 -14.40
N PRO B 91 -23.57 -10.31 -13.44
CA PRO B 91 -23.07 -9.02 -13.84
C PRO B 91 -21.54 -8.95 -13.78
N LEU B 92 -20.98 -8.07 -14.61
CA LEU B 92 -19.55 -7.85 -14.63
C LEU B 92 -19.16 -6.75 -13.63
N VAL B 93 -18.34 -7.14 -12.67
CA VAL B 93 -17.84 -6.20 -11.69
C VAL B 93 -16.69 -5.42 -12.32
N GLU B 94 -15.64 -6.14 -12.71
CA GLU B 94 -14.48 -5.61 -13.45
C GLU B 94 -14.86 -4.67 -14.57
N SER B 95 -14.23 -3.52 -14.62
CA SER B 95 -14.26 -2.68 -15.80
C SER B 95 -13.31 -3.25 -16.90
N TRP B 96 -13.52 -2.87 -18.17
CA TRP B 96 -12.70 -3.35 -19.30
C TRP B 96 -11.27 -2.89 -19.16
N ASP B 97 -10.31 -3.79 -19.35
CA ASP B 97 -8.91 -3.47 -19.38
C ASP B 97 -8.34 -4.20 -20.60
N PRO B 98 -7.94 -3.45 -21.62
CA PRO B 98 -7.58 -4.19 -22.79
C PRO B 98 -6.30 -4.91 -22.52
N LEU B 99 -6.03 -5.89 -23.32
CA LEU B 99 -4.78 -6.55 -23.32
C LEU B 99 -3.82 -5.93 -24.35
N ASP B 100 -3.08 -4.95 -23.88
CA ASP B 100 -2.14 -4.18 -24.65
C ASP B 100 -1.09 -3.57 -23.69
N ILE B 101 -0.13 -2.87 -24.25
CA ILE B 101 0.83 -2.14 -23.45
C ILE B 101 0.37 -0.69 -23.32
N PRO B 102 -0.04 -0.27 -22.12
CA PRO B 102 -0.37 1.13 -21.93
C PRO B 102 0.77 2.02 -22.45
N GLN B 103 0.41 3.11 -23.17
CA GLN B 103 1.39 4.09 -23.69
C GLN B 103 2.38 4.68 -22.64
N ASN B 104 1.89 4.90 -21.43
CA ASN B 104 2.69 5.40 -20.29
C ASN B 104 3.56 4.33 -19.52
N SER B 105 3.81 3.16 -20.11
CA SER B 105 4.47 2.06 -19.38
C SER B 105 5.97 2.24 -19.37
N THR B 106 6.61 1.71 -18.36
CA THR B 106 8.04 1.75 -18.30
C THR B 106 8.58 0.57 -19.10
N PHE B 107 9.49 0.83 -19.98
CA PHE B 107 10.22 -0.20 -20.68
C PHE B 107 11.16 -0.90 -19.67
N GLU B 108 11.04 -2.21 -19.48
CA GLU B 108 11.94 -2.85 -18.50
C GLU B 108 13.12 -3.48 -19.19
N ASP B 109 12.90 -4.12 -20.34
CA ASP B 109 13.95 -4.88 -20.89
C ASP B 109 13.60 -5.46 -22.25
N GLN B 110 14.63 -5.87 -22.96
CA GLN B 110 14.42 -6.63 -24.16
C GLN B 110 15.42 -7.75 -24.11
N TYR B 111 15.02 -8.93 -24.52
CA TYR B 111 15.82 -10.08 -24.36
C TYR B 111 15.29 -11.17 -25.22
N SER B 112 16.07 -12.23 -25.26
CA SER B 112 15.81 -13.33 -26.16
C SER B 112 15.46 -14.61 -25.37
N ILE B 113 14.41 -15.28 -25.78
CA ILE B 113 13.98 -16.55 -25.19
C ILE B 113 14.36 -17.63 -26.18
N GLY B 114 15.02 -18.69 -25.71
CA GLY B 114 15.45 -19.77 -26.56
C GLY B 114 16.89 -19.56 -27.00
N GLY B 115 17.32 -20.34 -27.96
CA GLY B 115 18.72 -20.39 -28.35
C GLY B 115 18.85 -20.55 -29.85
N PRO B 116 19.99 -21.09 -30.29
CA PRO B 116 20.34 -21.24 -31.70
C PRO B 116 19.36 -22.06 -32.49
N GLN B 117 18.82 -23.13 -31.95
CA GLN B 117 17.81 -23.83 -32.74
C GLN B 117 16.54 -23.03 -32.95
N GLU B 118 16.09 -22.25 -31.96
CA GLU B 118 14.87 -21.43 -32.09
C GLU B 118 14.83 -20.44 -30.95
N GLN B 119 14.65 -19.19 -31.30
CA GLN B 119 14.76 -18.08 -30.38
C GLN B 119 13.82 -16.91 -30.80
N ILE B 120 13.49 -16.05 -29.87
CA ILE B 120 12.61 -15.00 -30.15
C ILE B 120 12.89 -13.88 -29.24
N LEU B 121 12.80 -12.69 -29.84
CA LEU B 121 13.10 -11.50 -29.15
C LEU B 121 11.79 -11.00 -28.50
N VAL B 122 11.83 -10.52 -27.26
CA VAL B 122 10.66 -10.09 -26.57
C VAL B 122 11.06 -8.91 -25.72
N GLN B 123 10.03 -8.20 -25.23
CA GLN B 123 10.16 -7.07 -24.37
C GLN B 123 9.27 -7.18 -23.18
N GLU B 124 9.72 -6.58 -22.07
CA GLU B 124 9.04 -6.57 -20.83
C GLU B 124 8.67 -5.11 -20.49
N TRP B 125 7.43 -4.89 -20.10
CA TRP B 125 6.96 -3.59 -19.75
C TRP B 125 6.31 -3.66 -18.39
N SER B 126 6.39 -2.58 -17.63
CA SER B 126 5.65 -2.50 -16.38
C SER B 126 4.98 -1.13 -16.22
N ASP B 127 4.32 -0.97 -15.10
CA ASP B 127 3.80 0.35 -14.64
C ASP B 127 4.65 0.89 -13.46
N ARG B 128 5.93 0.55 -13.45
CA ARG B 128 6.82 0.94 -12.36
C ARG B 128 7.21 2.41 -12.53
N ARG B 129 7.13 3.18 -11.44
CA ARG B 129 7.61 4.58 -11.46
C ARG B 129 8.88 4.60 -10.64
N THR B 130 9.89 5.32 -11.11
CA THR B 130 11.25 5.18 -10.56
C THR B 130 11.35 5.44 -9.05
N ALA B 131 12.17 4.61 -8.38
CA ALA B 131 12.45 4.62 -6.93
C ALA B 131 11.24 4.72 -5.96
N ARG B 132 10.01 4.75 -6.50
CA ARG B 132 8.79 4.43 -5.75
C ARG B 132 8.28 3.20 -6.46
N SER B 133 9.22 2.30 -6.70
CA SER B 133 9.24 1.54 -7.92
C SER B 133 9.00 0.07 -7.74
N TYR B 134 7.87 -0.29 -7.16
CA TYR B 134 7.43 -1.65 -7.31
C TYR B 134 6.33 -1.71 -8.34
N GLU B 135 6.59 -2.52 -9.35
CA GLU B 135 5.59 -2.83 -10.37
C GLU B 135 4.46 -3.57 -9.74
N THR B 136 3.26 -3.20 -10.19
CA THR B 136 2.02 -3.91 -9.87
C THR B 136 1.43 -4.63 -11.11
N TRP B 137 2.00 -4.32 -12.28
CA TRP B 137 1.68 -5.02 -13.53
C TRP B 137 2.98 -5.26 -14.34
N ILE B 138 3.10 -6.43 -14.90
CA ILE B 138 4.24 -6.73 -15.81
C ILE B 138 3.60 -7.34 -17.03
N GLY B 139 4.03 -6.92 -18.20
CA GLY B 139 3.52 -7.40 -19.50
C GLY B 139 4.71 -7.81 -20.34
N VAL B 140 4.69 -9.02 -20.87
CA VAL B 140 5.74 -9.46 -21.79
C VAL B 140 5.10 -9.66 -23.14
N TYR B 141 5.70 -9.05 -24.14
CA TYR B 141 5.22 -9.04 -25.48
C TYR B 141 6.36 -9.30 -26.47
N THR B 142 6.06 -9.97 -27.58
CA THR B 142 7.07 -10.26 -28.59
C THR B 142 7.45 -8.97 -29.24
N ALA B 143 8.71 -8.83 -29.62
CA ALA B 143 9.21 -7.55 -30.10
C ALA B 143 8.80 -7.27 -31.55
N LYS B 144 8.86 -8.26 -32.44
CA LYS B 144 8.53 -8.02 -33.84
C LYS B 144 7.00 -7.96 -34.09
N ASP B 145 6.23 -8.97 -33.65
CA ASP B 145 4.78 -8.98 -33.89
C ASP B 145 3.98 -8.29 -32.77
N CYS B 146 4.59 -7.99 -31.62
CA CYS B 146 3.88 -7.45 -30.47
C CYS B 146 2.72 -8.33 -29.98
N TYR B 147 2.91 -9.64 -30.10
CA TYR B 147 1.93 -10.55 -29.54
C TYR B 147 2.14 -10.67 -28.05
N PRO B 148 1.05 -10.83 -27.29
CA PRO B 148 1.11 -11.05 -25.86
C PRO B 148 1.71 -12.41 -25.53
N VAL B 149 2.57 -12.43 -24.51
CA VAL B 149 3.20 -13.68 -24.01
C VAL B 149 2.77 -14.01 -22.55
N GLN B 150 2.91 -13.03 -21.70
CA GLN B 150 2.53 -13.17 -20.32
C GLN B 150 2.11 -11.84 -19.69
N GLU B 151 1.13 -11.86 -18.80
CA GLU B 151 0.78 -10.71 -18.00
C GLU B 151 0.67 -11.17 -16.56
N THR B 152 1.20 -10.38 -15.64
CA THR B 152 1.17 -10.68 -14.25
C THR B 152 0.75 -9.44 -13.41
N PHE B 153 -0.06 -9.64 -12.36
CA PHE B 153 -0.50 -8.55 -11.50
C PHE B 153 -0.06 -8.85 -10.10
N ILE B 154 0.68 -7.90 -9.50
CA ILE B 154 1.12 -8.00 -8.11
C ILE B 154 0.33 -7.01 -7.24
N ARG B 155 -0.34 -7.53 -6.23
CA ARG B 155 -0.88 -6.72 -5.11
C ARG B 155 -0.35 -7.17 -3.73
N ASN B 156 0.03 -6.18 -2.94
CA ASN B 156 0.48 -6.38 -1.57
C ASN B 156 1.48 -7.51 -1.53
N TYR B 157 2.49 -7.31 -2.38
CA TYR B 157 3.66 -8.17 -2.55
C TYR B 157 3.39 -9.59 -2.99
N THR B 158 2.18 -9.86 -3.46
CA THR B 158 1.73 -11.19 -3.78
C THR B 158 1.31 -11.19 -5.27
N VAL B 159 1.58 -12.32 -5.94
CA VAL B 159 1.19 -12.49 -7.32
C VAL B 159 -0.26 -12.87 -7.28
N VAL B 160 -1.15 -11.99 -7.73
CA VAL B 160 -2.59 -12.31 -7.59
C VAL B 160 -3.14 -12.91 -8.89
N MET B 161 -2.45 -12.72 -10.01
CA MET B 161 -2.93 -13.23 -11.24
C MET B 161 -1.82 -13.22 -12.25
N SER B 162 -1.75 -14.29 -13.03
CA SER B 162 -0.74 -14.43 -14.06
C SER B 162 -1.33 -15.25 -15.18
N THR B 163 -1.11 -14.79 -16.41
CA THR B 163 -1.67 -15.39 -17.54
C THR B 163 -0.59 -15.54 -18.59
N ARG B 164 -0.48 -16.75 -19.12
CA ARG B 164 0.36 -16.99 -20.31
C ARG B 164 -0.50 -17.15 -21.55
N PHE B 165 -0.07 -16.58 -22.67
CA PHE B 165 -0.86 -16.68 -23.88
C PHE B 165 -0.08 -17.35 -24.96
N PHE B 166 -0.76 -18.05 -25.85
CA PHE B 166 -0.03 -18.76 -26.87
C PHE B 166 -0.95 -19.30 -27.95
N ASP B 167 -0.36 -19.87 -29.02
CA ASP B 167 -1.04 -20.32 -30.25
C ASP B 167 -1.97 -19.25 -30.83
N VAL B 168 -1.51 -18.02 -30.80
CA VAL B 168 -2.29 -16.88 -31.13
C VAL B 168 -2.41 -16.74 -32.64
N GLN B 169 -3.62 -16.58 -33.12
CA GLN B 169 -3.85 -16.21 -34.50
C GLN B 169 -4.69 -14.97 -34.60
N LEU B 170 -4.27 -14.09 -35.49
CA LEU B 170 -4.88 -12.79 -35.71
C LEU B 170 -6.34 -12.89 -36.15
N GLY B 171 -7.19 -11.98 -35.71
CA GLY B 171 -8.62 -11.96 -36.18
C GLY B 171 -9.55 -12.99 -35.52
N ILE B 172 -10.85 -12.85 -35.77
CA ILE B 172 -11.86 -13.70 -35.25
C ILE B 172 -12.42 -14.53 -36.43
N LYS B 173 -12.20 -15.85 -36.42
CA LYS B 173 -12.69 -16.71 -37.47
C LYS B 173 -14.19 -16.54 -37.63
N ASP B 174 -14.91 -16.67 -36.51
CA ASP B 174 -16.35 -16.73 -36.51
C ASP B 174 -16.97 -16.00 -35.29
N PRO B 175 -17.62 -14.84 -35.52
CA PRO B 175 -18.03 -14.05 -34.38
C PRO B 175 -19.16 -14.66 -33.59
N SER B 176 -19.80 -15.72 -34.08
CA SER B 176 -20.78 -16.37 -33.24
C SER B 176 -20.17 -17.02 -31.98
N VAL B 177 -18.84 -17.04 -31.84
CA VAL B 177 -18.27 -17.50 -30.56
C VAL B 177 -18.76 -16.66 -29.43
N PHE B 178 -19.09 -15.39 -29.73
CA PHE B 178 -19.57 -14.43 -28.74
C PHE B 178 -21.07 -14.45 -28.54
N THR B 179 -21.77 -15.37 -29.20
CA THR B 179 -23.20 -15.46 -29.08
C THR B 179 -23.56 -16.63 -28.16
N PRO B 180 -24.23 -16.36 -27.05
CA PRO B 180 -24.54 -17.45 -26.11
C PRO B 180 -25.62 -18.35 -26.65
N PRO B 181 -25.66 -19.59 -26.20
CA PRO B 181 -26.66 -20.50 -26.79
C PRO B 181 -28.06 -20.15 -26.23
N SER B 182 -29.10 -20.75 -26.80
CA SER B 182 -30.52 -20.38 -26.50
C SER B 182 -30.84 -20.56 -25.02
N THR B 183 -30.21 -21.55 -24.39
CA THR B 183 -30.30 -21.74 -22.92
C THR B 183 -30.04 -20.50 -22.11
N CYS B 184 -29.33 -19.54 -22.68
CA CYS B 184 -29.09 -18.30 -21.98
C CYS B 184 -30.29 -17.36 -22.02
N GLN B 185 -31.34 -17.69 -22.77
CA GLN B 185 -32.59 -16.91 -22.71
C GLN B 185 -33.20 -16.99 -21.29
N ALA B 186 -32.99 -18.11 -20.63
CA ALA B 186 -33.51 -18.35 -19.28
C ALA B 186 -32.38 -18.87 -18.36
N ALA B 187 -31.58 -17.94 -17.84
CA ALA B 187 -30.33 -18.31 -17.21
C ALA B 187 -30.48 -18.02 -15.76
N GLN B 188 -29.87 -18.85 -14.93
CA GLN B 188 -29.61 -18.54 -13.53
C GLN B 188 -29.03 -17.14 -13.35
N PRO B 189 -29.38 -16.45 -12.24
CA PRO B 189 -28.76 -15.15 -11.98
C PRO B 189 -27.49 -15.27 -11.13
N GLU B 190 -27.09 -16.49 -10.78
CA GLU B 190 -25.86 -16.63 -10.04
C GLU B 190 -25.00 -17.74 -10.63
N LYS B 191 -23.71 -17.53 -10.49
CA LYS B 191 -22.63 -18.38 -10.98
C LYS B 191 -22.83 -19.79 -10.54
N MET B 192 -22.37 -20.74 -11.36
CA MET B 192 -22.29 -22.11 -10.96
C MET B 192 -20.86 -22.40 -10.43
N SER B 193 -20.79 -23.05 -9.27
CA SER B 193 -19.57 -23.63 -8.71
C SER B 193 -19.05 -24.80 -9.58
N ASP B 194 -17.86 -25.28 -9.25
CA ASP B 194 -17.20 -26.34 -10.02
C ASP B 194 -17.58 -27.77 -9.56
N HIS C 10 -12.03 -5.89 24.24
CA HIS C 10 -12.76 -6.85 25.14
C HIS C 10 -12.41 -6.68 26.62
N HIS C 11 -11.13 -6.45 26.91
CA HIS C 11 -10.64 -6.19 28.28
C HIS C 11 -10.32 -4.71 28.32
N THR C 12 -10.60 -4.07 29.46
CA THR C 12 -10.55 -2.62 29.57
C THR C 12 -9.38 -2.23 30.46
N PRO C 13 -8.37 -1.50 29.90
CA PRO C 13 -7.24 -1.13 30.76
C PRO C 13 -7.61 -0.13 31.87
N GLN C 14 -6.68 -0.01 32.83
CA GLN C 14 -6.71 1.03 33.82
C GLN C 14 -5.79 2.18 33.37
N PRO C 15 -6.12 3.41 33.74
CA PRO C 15 -5.27 4.56 33.45
C PRO C 15 -3.82 4.42 33.94
N CYS C 16 -2.85 4.57 33.03
CA CYS C 16 -1.44 4.65 33.41
C CYS C 16 -1.21 6.02 34.10
N GLN C 17 -0.09 6.21 34.77
CA GLN C 17 0.27 7.49 35.37
C GLN C 17 1.08 8.28 34.33
N ALA C 18 0.70 9.51 34.03
CA ALA C 18 1.39 10.30 33.02
C ALA C 18 2.57 11.07 33.69
N PRO C 19 3.69 11.20 32.98
CA PRO C 19 4.88 11.78 33.66
C PRO C 19 4.57 13.21 33.98
N GLN C 20 4.95 13.68 35.17
CA GLN C 20 4.51 15.03 35.56
C GLN C 20 5.54 16.09 35.41
N GLN C 21 6.67 15.79 34.83
CA GLN C 21 7.57 16.91 34.42
C GLN C 21 8.16 16.62 33.10
N TRP C 22 7.97 17.53 32.15
CA TRP C 22 8.49 17.31 30.81
C TRP C 22 8.45 18.57 30.02
N GLU C 23 9.27 18.58 28.96
CA GLU C 23 9.28 19.59 27.92
C GLU C 23 9.17 18.95 26.53
N GLY C 24 8.60 19.72 25.61
CA GLY C 24 8.41 19.28 24.23
C GLY C 24 7.77 20.36 23.40
N ARG C 25 6.99 19.97 22.40
CA ARG C 25 6.37 20.97 21.50
C ARG C 25 4.93 20.62 21.38
N GLN C 26 4.11 21.57 20.96
CA GLN C 26 2.67 21.35 20.94
C GLN C 26 2.05 22.12 19.81
N VAL C 27 0.89 21.66 19.36
CA VAL C 27 0.08 22.44 18.43
C VAL C 27 -1.27 22.56 19.03
N LEU C 28 -1.65 23.80 19.30
CA LEU C 28 -2.93 24.10 19.91
C LEU C 28 -3.92 24.64 18.87
N TYR C 29 -5.07 23.97 18.71
CA TYR C 29 -6.07 24.33 17.72
C TYR C 29 -7.25 24.90 18.48
N GLN C 30 -7.77 26.03 18.04
CA GLN C 30 -9.00 26.60 18.62
C GLN C 30 -10.08 26.71 17.63
N GLN C 31 -11.21 26.14 18.03
CA GLN C 31 -12.40 26.10 17.18
C GLN C 31 -12.78 27.52 16.79
N SER C 32 -12.86 28.41 17.77
CA SER C 32 -13.39 29.73 17.52
C SER C 32 -12.63 30.55 16.49
N SER C 33 -11.34 30.28 16.26
CA SER C 33 -10.59 30.92 15.17
C SER C 33 -10.31 30.01 13.99
N GLY C 34 -10.47 28.70 14.19
CA GLY C 34 -9.98 27.74 13.19
C GLY C 34 -8.48 27.82 12.94
N HIS C 35 -7.72 28.27 13.93
CA HIS C 35 -6.23 28.37 13.83
C HIS C 35 -5.50 27.37 14.67
N ASN C 36 -4.38 26.91 14.11
CA ASN C 36 -3.28 26.22 14.81
C ASN C 36 -2.15 27.12 15.29
N ASN C 37 -1.77 27.03 16.56
CA ASN C 37 -0.60 27.74 17.12
C ASN C 37 0.46 26.78 17.63
N ARG C 38 1.65 26.85 17.07
CA ARG C 38 2.74 26.03 17.49
C ARG C 38 3.52 26.67 18.61
N ALA C 39 4.04 25.82 19.49
CA ALA C 39 4.74 26.32 20.65
C ALA C 39 5.67 25.30 21.28
N LEU C 40 6.77 25.79 21.91
CA LEU C 40 7.56 24.96 22.84
C LEU C 40 6.83 24.90 24.13
N VAL C 41 6.83 23.75 24.79
CA VAL C 41 6.18 23.69 26.06
C VAL C 41 7.03 23.02 27.14
N SER C 42 6.97 23.65 28.31
CA SER C 42 7.53 23.07 29.55
C SER C 42 6.40 22.84 30.56
N TYR C 43 6.28 21.63 31.04
CA TYR C 43 5.20 21.27 31.87
C TYR C 43 5.78 20.77 33.16
N ASP C 44 5.41 21.45 34.25
CA ASP C 44 5.83 21.06 35.60
C ASP C 44 4.57 20.88 36.46
N GLY C 45 4.03 19.67 36.48
CA GLY C 45 2.79 19.40 37.23
C GLY C 45 3.04 19.27 38.73
N LEU C 46 4.29 19.01 39.11
CA LEU C 46 4.67 19.00 40.50
C LEU C 46 4.53 20.37 41.14
N ASN C 47 4.98 21.43 40.46
CA ASN C 47 4.80 22.79 40.96
C ASN C 47 3.64 23.54 40.31
N GLN C 48 2.80 22.79 39.62
CA GLN C 48 1.63 23.34 38.98
C GLN C 48 1.95 24.59 38.20
N ARG C 49 2.97 24.48 37.36
CA ARG C 49 3.33 25.56 36.45
C ARG C 49 3.65 25.06 35.05
N VAL C 50 3.41 25.93 34.07
CA VAL C 50 3.55 25.63 32.68
C VAL C 50 4.18 26.81 31.97
N ARG C 51 5.09 26.54 31.03
CA ARG C 51 5.57 27.61 30.16
C ARG C 51 5.41 27.21 28.70
N VAL C 52 5.01 28.18 27.88
CA VAL C 52 4.60 27.99 26.51
C VAL C 52 5.27 29.11 25.72
N LEU C 53 6.08 28.75 24.72
CA LEU C 53 6.75 29.73 23.90
C LEU C 53 6.29 29.55 22.44
N ASP C 54 5.51 30.50 21.93
CA ASP C 54 5.13 30.52 20.50
C ASP C 54 6.32 30.25 19.61
N GLU C 55 6.11 29.44 18.60
CA GLU C 55 7.16 29.03 17.68
C GLU C 55 6.63 29.32 16.28
N ARG C 56 7.50 29.58 15.33
CA ARG C 56 7.05 29.65 13.94
C ARG C 56 7.75 28.64 13.07
N LYS C 57 6.94 27.89 12.31
CA LYS C 57 7.44 27.04 11.21
C LYS C 57 7.71 27.93 10.01
N ALA C 58 6.89 28.97 9.88
CA ALA C 58 6.79 29.79 8.69
C ALA C 58 6.57 31.23 9.09
N LEU C 59 6.99 32.13 8.21
CA LEU C 59 6.93 33.56 8.42
C LEU C 59 5.69 34.15 7.72
N ILE C 60 4.86 33.28 7.14
CA ILE C 60 3.91 33.62 6.05
C ILE C 60 2.90 34.73 6.32
N PRO C 61 2.09 34.64 7.40
CA PRO C 61 1.57 35.90 7.94
C PRO C 61 2.27 36.18 9.26
N CYS C 62 2.79 37.41 9.36
CA CYS C 62 3.47 37.90 10.53
C CYS C 62 2.49 37.88 11.69
N LYS C 63 2.89 37.23 12.77
CA LYS C 63 2.21 37.37 14.03
C LYS C 63 3.24 37.77 15.08
N ARG C 64 2.78 38.54 16.06
CA ARG C 64 3.57 38.76 17.26
C ARG C 64 3.66 37.45 17.97
N LEU C 65 4.74 37.28 18.73
CA LEU C 65 5.06 36.04 19.40
C LEU C 65 5.23 36.32 20.86
N PHE C 66 4.62 35.47 21.67
CA PHE C 66 4.66 35.64 23.10
C PHE C 66 5.14 34.35 23.75
N GLU C 67 5.54 34.49 24.99
CA GLU C 67 5.89 33.42 25.87
C GLU C 67 4.87 33.57 27.00
N TYR C 68 4.30 32.45 27.47
CA TYR C 68 3.37 32.45 28.59
C TYR C 68 3.92 31.63 29.74
N ILE C 69 3.77 32.18 30.96
CA ILE C 69 4.16 31.48 32.16
C ILE C 69 2.95 31.40 33.06
N LEU C 70 2.41 30.22 33.22
CA LEU C 70 1.22 30.05 34.02
C LEU C 70 1.64 29.48 35.36
N LEU C 71 1.50 30.29 36.40
CA LEU C 71 1.82 29.89 37.79
C LEU C 71 0.53 29.72 38.63
N TYR C 72 0.01 28.50 38.64
CA TYR C 72 -1.28 28.26 39.25
C TYR C 72 -1.26 28.39 40.76
N LYS C 73 -0.13 28.07 41.40
CA LYS C 73 -0.04 28.21 42.84
C LYS C 73 -0.37 29.63 43.20
N GLU C 74 0.27 30.58 42.52
CA GLU C 74 0.02 31.97 42.79
C GLU C 74 -0.89 32.68 41.78
N GLY C 75 -1.85 31.95 41.23
CA GLY C 75 -2.95 32.51 40.47
C GLY C 75 -2.61 33.67 39.56
N VAL C 76 -1.56 33.54 38.77
CA VAL C 76 -1.28 34.47 37.65
C VAL C 76 -0.69 33.74 36.43
N MET C 77 -0.96 34.29 35.25
CA MET C 77 -0.29 33.91 34.05
C MET C 77 0.36 35.15 33.52
N PHE C 78 1.62 35.06 33.11
CA PHE C 78 2.31 36.16 32.45
C PHE C 78 2.41 35.94 30.95
N GLN C 79 2.01 36.94 30.20
CA GLN C 79 2.23 36.95 28.78
C GLN C 79 3.34 37.94 28.52
N ILE C 80 4.30 37.53 27.69
CA ILE C 80 5.54 38.25 27.50
C ILE C 80 5.90 38.32 26.04
N GLU C 81 5.97 39.53 25.50
CA GLU C 81 6.35 39.72 24.10
C GLU C 81 7.77 39.21 23.95
N GLN C 82 8.02 38.38 22.94
CA GLN C 82 9.28 37.66 22.85
C GLN C 82 10.54 38.54 22.67
N ALA C 83 10.51 39.52 21.76
CA ALA C 83 11.71 40.36 21.53
C ALA C 83 11.90 41.38 22.67
N THR C 84 10.86 42.18 22.84
CA THR C 84 10.89 43.34 23.70
C THR C 84 10.82 43.02 25.20
N LYS C 85 10.30 41.84 25.56
CA LYS C 85 10.10 41.40 26.94
C LYS C 85 9.06 42.21 27.70
N GLN C 86 8.23 42.92 26.93
CA GLN C 86 7.08 43.62 27.45
C GLN C 86 6.08 42.61 27.96
N CYS C 87 5.54 42.86 29.15
CA CYS C 87 4.79 41.88 29.92
C CYS C 87 3.30 42.21 30.06
N ALA C 88 2.52 41.24 30.54
CA ALA C 88 1.13 41.50 30.98
C ALA C 88 0.76 40.52 32.08
N LYS C 89 0.39 41.07 33.24
CA LYS C 89 -0.01 40.25 34.41
C LYS C 89 -1.46 39.93 34.23
N ILE C 90 -1.77 38.70 33.86
CA ILE C 90 -3.17 38.27 33.72
C ILE C 90 -3.54 37.39 34.92
N PRO C 91 -4.49 37.84 35.75
CA PRO C 91 -5.08 36.90 36.70
C PRO C 91 -5.53 35.60 36.04
N LEU C 92 -4.99 34.52 36.59
CA LEU C 92 -5.27 33.16 36.19
C LEU C 92 -6.03 32.65 37.39
N VAL C 93 -7.30 32.35 37.19
CA VAL C 93 -8.24 32.08 38.30
C VAL C 93 -8.79 30.67 38.27
N GLU C 94 -8.76 30.07 37.08
CA GLU C 94 -9.01 28.64 36.88
C GLU C 94 -8.21 27.80 37.87
N SER C 95 -8.74 26.64 38.21
CA SER C 95 -8.05 25.73 39.11
C SER C 95 -7.08 24.88 38.30
N TRP C 96 -6.03 24.43 38.97
CA TRP C 96 -5.05 23.54 38.41
C TRP C 96 -5.68 22.22 37.98
N ASP C 97 -5.23 21.71 36.86
CA ASP C 97 -5.76 20.47 36.32
C ASP C 97 -4.63 19.81 35.59
N PRO C 98 -4.08 18.75 36.17
CA PRO C 98 -2.88 18.22 35.60
C PRO C 98 -3.15 17.65 34.22
N LEU C 99 -2.10 17.50 33.44
CA LEU C 99 -2.17 16.71 32.24
C LEU C 99 -1.91 15.28 32.62
N ASP C 100 -2.99 14.58 32.92
CA ASP C 100 -2.98 13.16 33.21
C ASP C 100 -4.38 12.57 33.05
N ILE C 101 -4.49 11.28 33.35
CA ILE C 101 -5.73 10.58 33.25
C ILE C 101 -6.30 10.37 34.64
N PRO C 102 -7.36 11.11 34.99
CA PRO C 102 -8.22 10.78 36.14
C PRO C 102 -8.54 9.28 36.23
N GLN C 103 -8.28 8.72 37.41
CA GLN C 103 -8.56 7.31 37.77
C GLN C 103 -9.95 6.80 37.36
N ASN C 104 -10.92 7.68 37.36
CA ASN C 104 -12.28 7.31 37.02
C ASN C 104 -12.62 7.59 35.55
N SER C 105 -11.62 7.68 34.69
CA SER C 105 -11.91 8.03 33.31
C SER C 105 -12.52 6.83 32.59
N THR C 106 -13.30 7.12 31.57
CA THR C 106 -13.92 6.09 30.78
C THR C 106 -12.92 5.68 29.71
N PHE C 107 -12.63 4.38 29.60
CA PHE C 107 -11.78 3.92 28.52
C PHE C 107 -12.60 3.91 27.23
N GLU C 108 -12.19 4.70 26.24
CA GLU C 108 -12.87 4.79 24.98
C GLU C 108 -12.37 3.77 23.97
N ASP C 109 -11.06 3.64 23.83
CA ASP C 109 -10.53 2.93 22.69
C ASP C 109 -9.04 2.83 22.77
N GLN C 110 -8.48 1.95 21.95
CA GLN C 110 -7.06 1.73 21.86
C GLN C 110 -6.71 1.47 20.36
N TYR C 111 -5.66 2.10 19.85
CA TYR C 111 -5.29 1.90 18.45
C TYR C 111 -3.86 2.32 18.20
N SER C 112 -3.42 2.08 16.99
CA SER C 112 -2.09 2.35 16.66
C SER C 112 -1.98 3.50 15.66
N ILE C 113 -0.92 4.26 15.84
CA ILE C 113 -0.60 5.28 14.94
C ILE C 113 0.61 4.79 14.21
N GLY C 114 0.63 5.13 12.94
CA GLY C 114 1.60 4.62 12.01
C GLY C 114 1.05 3.31 11.49
N GLY C 115 1.98 2.40 11.25
CA GLY C 115 1.64 1.15 10.66
C GLY C 115 2.72 0.17 11.00
N PRO C 116 2.54 -1.09 10.60
CA PRO C 116 3.45 -2.17 11.00
C PRO C 116 4.93 -1.82 10.80
N GLN C 117 5.73 -2.02 11.84
CA GLN C 117 7.21 -1.77 11.81
C GLN C 117 7.60 -0.31 12.12
N GLU C 118 6.58 0.55 12.23
CA GLU C 118 6.76 1.92 12.65
C GLU C 118 5.46 2.27 13.32
N GLN C 119 5.28 1.88 14.58
CA GLN C 119 4.01 2.21 15.18
C GLN C 119 4.01 2.27 16.67
N ILE C 120 2.95 2.86 17.20
CA ILE C 120 2.87 3.04 18.61
C ILE C 120 1.44 2.87 18.93
N LEU C 121 1.16 2.09 19.95
CA LEU C 121 -0.16 2.02 20.53
C LEU C 121 -0.50 3.21 21.45
N VAL C 122 -1.69 3.78 21.32
CA VAL C 122 -2.18 4.84 22.18
C VAL C 122 -3.56 4.49 22.73
N GLN C 123 -4.02 5.17 23.74
CA GLN C 123 -5.32 4.84 24.35
C GLN C 123 -6.08 6.11 24.52
N GLU C 124 -7.37 6.06 24.29
CA GLU C 124 -8.20 7.24 24.32
C GLU C 124 -9.06 7.08 25.52
N TRP C 125 -9.17 8.14 26.29
CA TRP C 125 -9.80 8.18 27.60
C TRP C 125 -10.71 9.40 27.58
N SER C 126 -11.87 9.33 28.23
CA SER C 126 -12.80 10.48 28.30
C SER C 126 -13.41 10.63 29.67
N ASP C 127 -14.21 11.66 29.82
CA ASP C 127 -14.98 11.83 31.06
C ASP C 127 -16.47 11.52 30.82
N ARG C 128 -16.80 10.87 29.71
CA ARG C 128 -18.20 10.54 29.41
C ARG C 128 -18.76 9.45 30.32
N ARG C 129 -19.88 9.72 30.99
CA ARG C 129 -20.52 8.74 31.89
C ARG C 129 -21.33 7.73 31.08
N THR C 130 -21.29 6.45 31.48
CA THR C 130 -21.85 5.37 30.63
C THR C 130 -23.29 5.67 30.36
N ALA C 131 -23.74 5.35 29.15
CA ALA C 131 -25.12 5.60 28.75
C ALA C 131 -25.46 7.09 28.63
N ARG C 132 -24.50 7.95 28.91
CA ARG C 132 -24.64 9.36 28.62
C ARG C 132 -23.87 9.50 27.33
N SER C 133 -24.17 10.53 26.55
CA SER C 133 -23.42 10.78 25.33
C SER C 133 -22.60 12.05 25.47
N TYR C 134 -22.55 12.56 26.71
CA TYR C 134 -22.02 13.87 27.02
C TYR C 134 -20.53 13.77 27.42
N GLU C 135 -19.68 14.29 26.54
CA GLU C 135 -18.22 14.38 26.73
C GLU C 135 -17.86 15.85 26.91
N THR C 136 -16.95 16.14 27.86
CA THR C 136 -16.25 17.42 27.81
C THR C 136 -14.72 17.26 27.57
N TRP C 137 -14.18 16.05 27.70
CA TRP C 137 -12.74 15.92 27.72
C TRP C 137 -12.43 14.62 27.11
N ILE C 138 -11.45 14.64 26.23
CA ILE C 138 -10.89 13.44 25.62
C ILE C 138 -9.38 13.56 25.64
N GLY C 139 -8.72 12.52 26.11
CA GLY C 139 -7.26 12.53 26.19
C GLY C 139 -6.70 11.28 25.60
N VAL C 140 -5.68 11.45 24.75
CA VAL C 140 -5.00 10.34 24.14
C VAL C 140 -3.59 10.27 24.68
N TYR C 141 -3.20 9.08 25.16
CA TYR C 141 -1.90 8.79 25.75
C TYR C 141 -1.32 7.51 25.23
N THR C 142 0.00 7.45 25.11
CA THR C 142 0.64 6.21 24.63
C THR C 142 0.47 5.12 25.66
N ALA C 143 0.31 3.90 25.18
CA ALA C 143 -0.02 2.73 25.99
C ALA C 143 1.08 2.25 26.96
N LYS C 144 2.34 2.32 26.59
CA LYS C 144 3.42 1.83 27.47
C LYS C 144 3.93 2.88 28.45
N ASP C 145 4.48 3.97 27.93
CA ASP C 145 5.03 5.06 28.77
C ASP C 145 3.99 6.12 29.22
N CYS C 146 2.74 6.03 28.78
CA CYS C 146 1.72 7.04 29.12
C CYS C 146 2.18 8.46 28.79
N TYR C 147 2.86 8.63 27.67
CA TYR C 147 3.15 9.99 27.27
C TYR C 147 1.87 10.62 26.68
N PRO C 148 1.68 11.92 26.90
CA PRO C 148 0.55 12.64 26.29
C PRO C 148 0.72 12.86 24.79
N VAL C 149 -0.33 12.55 24.04
CA VAL C 149 -0.35 12.65 22.57
C VAL C 149 -1.32 13.69 22.13
N GLN C 150 -2.54 13.65 22.64
CA GLN C 150 -3.48 14.67 22.27
C GLN C 150 -4.48 14.88 23.34
N GLU C 151 -4.96 16.10 23.47
CA GLU C 151 -6.02 16.46 24.40
C GLU C 151 -7.09 17.37 23.76
N THR C 152 -8.35 17.02 24.03
CA THR C 152 -9.45 17.73 23.43
C THR C 152 -10.54 18.08 24.43
N PHE C 153 -11.01 19.33 24.33
CA PHE C 153 -12.08 19.87 25.19
C PHE C 153 -13.34 20.16 24.33
N ILE C 154 -14.44 19.50 24.71
CA ILE C 154 -15.76 19.55 24.07
C ILE C 154 -16.73 20.41 24.91
N ARG C 155 -17.66 21.12 24.29
CA ARG C 155 -18.66 21.89 25.06
C ARG C 155 -20.09 21.39 24.85
N ASN C 156 -20.63 21.65 23.69
CA ASN C 156 -22.00 21.25 23.41
C ASN C 156 -21.87 20.30 22.24
N TYR C 157 -21.32 19.12 22.50
CA TYR C 157 -20.97 18.13 21.44
C TYR C 157 -20.09 18.77 20.33
N THR C 158 -19.26 19.70 20.73
CA THR C 158 -18.53 20.51 19.78
C THR C 158 -17.16 20.77 20.39
N VAL C 159 -16.15 20.65 19.55
CA VAL C 159 -14.78 20.77 19.97
C VAL C 159 -14.51 22.22 20.20
N VAL C 160 -13.90 22.52 21.34
CA VAL C 160 -13.53 23.91 21.63
C VAL C 160 -12.06 24.11 21.38
N MET C 161 -11.24 23.16 21.82
CA MET C 161 -9.82 23.24 21.52
C MET C 161 -9.17 21.91 21.55
N SER C 162 -8.11 21.78 20.76
CA SER C 162 -7.40 20.52 20.76
C SER C 162 -5.91 20.78 20.80
N THR C 163 -5.19 20.04 21.62
CA THR C 163 -3.77 20.15 21.65
C THR C 163 -3.07 18.82 21.39
N ARG C 164 -2.15 18.83 20.45
CA ARG C 164 -1.24 17.73 20.25
C ARG C 164 0.16 18.02 20.74
N PHE C 165 0.81 16.96 21.21
CA PHE C 165 2.09 17.02 21.89
C PHE C 165 3.05 16.15 21.16
N PHE C 166 4.27 16.63 21.05
CA PHE C 166 5.33 15.98 20.31
C PHE C 166 6.68 16.22 20.99
N ASP C 167 7.69 15.41 20.66
CA ASP C 167 9.07 15.57 21.17
C ASP C 167 9.15 15.69 22.67
N VAL C 168 8.35 14.90 23.35
CA VAL C 168 8.29 14.91 24.78
C VAL C 168 9.61 14.32 25.33
N GLN C 169 10.31 15.10 26.17
CA GLN C 169 11.52 14.66 26.92
C GLN C 169 11.25 14.80 28.43
N LEU C 170 11.67 13.83 29.21
CA LEU C 170 11.40 13.85 30.66
C LEU C 170 12.28 14.84 31.38
N GLY C 171 11.73 15.45 32.43
CA GLY C 171 12.48 16.45 33.17
C GLY C 171 12.39 17.84 32.60
N ILE C 172 13.01 18.77 33.32
CA ILE C 172 12.98 20.17 32.99
C ILE C 172 14.43 20.55 32.84
N LYS C 173 14.83 20.91 31.63
CA LYS C 173 16.23 21.18 31.37
C LYS C 173 16.69 22.36 32.21
N ASP C 174 15.82 23.33 32.37
CA ASP C 174 16.18 24.56 33.00
C ASP C 174 14.98 25.25 33.67
N PRO C 175 14.81 25.02 34.98
CA PRO C 175 13.67 25.57 35.73
C PRO C 175 13.49 27.07 35.68
N SER C 176 14.52 27.79 35.27
CA SER C 176 14.42 29.26 35.21
C SER C 176 13.42 29.72 34.15
N VAL C 177 13.22 28.92 33.11
CA VAL C 177 12.14 29.25 32.18
C VAL C 177 10.86 29.59 32.93
N PHE C 178 10.64 29.05 34.13
CA PHE C 178 9.40 29.41 34.85
C PHE C 178 9.50 30.77 35.56
N THR C 179 10.65 31.44 35.47
CA THR C 179 10.87 32.75 36.12
C THR C 179 10.56 33.90 35.15
N PRO C 180 9.57 34.73 35.49
CA PRO C 180 9.23 35.82 34.57
C PRO C 180 10.34 36.88 34.54
N PRO C 181 10.51 37.58 33.43
CA PRO C 181 11.57 38.59 33.37
C PRO C 181 11.27 39.77 34.32
N SER C 182 12.31 40.51 34.70
CA SER C 182 12.21 41.63 35.67
C SER C 182 11.00 42.54 35.42
N THR C 183 10.73 42.80 34.14
CA THR C 183 9.62 43.64 33.69
C THR C 183 8.23 43.17 34.06
N CYS C 184 8.10 42.06 34.75
CA CYS C 184 6.77 41.56 35.00
C CYS C 184 6.23 41.95 36.36
N GLN C 185 7.08 42.48 37.23
CA GLN C 185 6.54 43.08 38.47
C GLN C 185 5.76 44.31 38.06
N ALA C 186 6.42 45.14 37.27
CA ALA C 186 5.78 46.30 36.69
C ALA C 186 4.49 45.88 35.97
N ALA C 187 4.56 44.78 35.23
CA ALA C 187 3.48 44.29 34.36
C ALA C 187 2.15 45.02 34.41
N GLN C 188 1.67 45.38 33.21
CA GLN C 188 0.34 45.95 33.01
C GLN C 188 -0.74 44.91 33.34
N PRO C 189 -2.03 45.19 32.99
CA PRO C 189 -3.07 44.19 33.24
C PRO C 189 -3.77 43.69 31.98
N GLU C 190 -3.43 44.22 30.82
CA GLU C 190 -4.21 43.92 29.63
C GLU C 190 -3.44 43.02 28.65
N LYS C 191 -4.15 42.05 28.08
CA LYS C 191 -3.55 41.04 27.24
C LYS C 191 -3.28 41.54 25.81
N MET C 192 -2.01 41.63 25.42
CA MET C 192 -1.57 42.16 24.09
C MET C 192 -2.14 41.36 22.89
N SER C 193 -1.98 41.87 21.66
CA SER C 193 -2.71 41.37 20.47
C SER C 193 -1.84 40.54 19.48
N ASP C 194 -2.46 39.55 18.83
CA ASP C 194 -1.70 38.52 18.05
C ASP C 194 -0.81 39.06 16.95
N GLY C 195 -1.22 40.17 16.32
CA GLY C 195 -0.69 40.59 15.03
C GLY C 195 0.19 41.83 14.99
N CYS C 196 1.18 41.79 14.12
CA CYS C 196 2.00 42.94 13.74
C CYS C 196 1.06 43.97 13.10
N SER C 197 0.08 43.47 12.34
CA SER C 197 -1.01 44.29 11.75
C SER C 197 -2.11 44.64 12.76
N PRO D 13 5.47 -37.39 -25.48
CA PRO D 13 6.62 -36.45 -25.47
C PRO D 13 7.41 -36.54 -24.17
N GLN D 14 8.71 -36.80 -24.24
CA GLN D 14 9.49 -36.99 -23.03
C GLN D 14 10.40 -35.79 -22.76
N PRO D 15 10.79 -35.59 -21.47
CA PRO D 15 11.61 -34.46 -21.06
C PRO D 15 12.96 -34.42 -21.76
N CYS D 16 13.27 -33.27 -22.32
CA CYS D 16 14.54 -32.98 -22.94
C CYS D 16 15.57 -32.66 -21.82
N GLN D 17 16.83 -32.62 -22.25
CA GLN D 17 18.01 -32.28 -21.46
C GLN D 17 18.32 -30.77 -21.44
N ALA D 18 18.03 -30.12 -20.34
CA ALA D 18 18.35 -28.73 -20.20
C ALA D 18 19.82 -28.63 -20.04
N PRO D 19 20.37 -27.48 -20.42
CA PRO D 19 21.84 -27.39 -20.32
C PRO D 19 22.27 -27.25 -18.86
N GLN D 20 23.41 -27.87 -18.61
CA GLN D 20 23.89 -28.01 -17.29
C GLN D 20 24.73 -26.85 -16.87
N GLN D 21 25.31 -26.17 -17.84
CA GLN D 21 26.08 -24.97 -17.63
C GLN D 21 25.72 -23.86 -18.57
N TRP D 22 25.43 -22.67 -18.05
CA TRP D 22 25.02 -21.54 -18.92
C TRP D 22 25.09 -20.23 -18.18
N GLU D 23 25.17 -19.14 -18.94
CA GLU D 23 25.17 -17.80 -18.42
C GLU D 23 24.12 -16.98 -19.17
N GLY D 24 23.44 -16.08 -18.43
CA GLY D 24 22.39 -15.29 -18.99
C GLY D 24 21.81 -14.33 -17.98
N ARG D 25 20.52 -14.08 -18.03
CA ARG D 25 19.93 -13.06 -17.14
C ARG D 25 18.63 -13.60 -16.66
N GLN D 26 18.05 -13.01 -15.61
CA GLN D 26 16.86 -13.52 -15.01
C GLN D 26 16.08 -12.50 -14.23
N VAL D 27 14.81 -12.82 -13.92
CA VAL D 27 14.06 -11.98 -13.03
C VAL D 27 13.51 -12.92 -12.02
N LEU D 28 13.77 -12.66 -10.74
CA LEU D 28 13.40 -13.56 -9.66
C LEU D 28 12.36 -12.88 -8.79
N TYR D 29 11.24 -13.55 -8.60
CA TYR D 29 10.24 -13.08 -7.66
C TYR D 29 10.20 -14.04 -6.50
N GLN D 30 10.24 -13.54 -5.29
CA GLN D 30 10.05 -14.36 -4.09
C GLN D 30 9.03 -13.72 -3.20
N GLN D 31 8.16 -14.52 -2.63
CA GLN D 31 7.18 -14.03 -1.69
C GLN D 31 7.85 -13.34 -0.47
N SER D 32 8.86 -13.97 0.12
CA SER D 32 9.62 -13.38 1.23
C SER D 32 10.19 -11.99 0.90
N SER D 33 10.51 -11.72 -0.35
CA SER D 33 11.08 -10.45 -0.72
C SER D 33 9.96 -9.46 -1.08
N GLY D 34 8.90 -10.00 -1.64
CA GLY D 34 7.80 -9.22 -2.16
C GLY D 34 7.89 -8.56 -3.52
N HIS D 35 9.01 -8.63 -4.19
CA HIS D 35 9.10 -8.00 -5.51
C HIS D 35 10.12 -8.76 -6.40
N ASN D 36 10.34 -8.22 -7.58
CA ASN D 36 11.16 -8.79 -8.55
C ASN D 36 12.55 -8.23 -8.47
N ASN D 37 13.55 -9.09 -8.64
CA ASN D 37 14.98 -8.76 -8.70
C ASN D 37 15.64 -9.21 -9.99
N ARG D 38 16.30 -8.29 -10.67
CA ARG D 38 16.76 -8.60 -11.97
C ARG D 38 18.23 -8.80 -11.85
N ALA D 39 18.77 -9.84 -12.51
CA ALA D 39 20.22 -10.18 -12.35
C ALA D 39 20.85 -10.79 -13.52
N LEU D 40 22.18 -10.70 -13.57
CA LEU D 40 23.04 -11.59 -14.39
C LEU D 40 23.23 -12.92 -13.60
N VAL D 41 23.17 -14.07 -14.28
CA VAL D 41 23.17 -15.32 -13.58
C VAL D 41 24.16 -16.23 -14.30
N SER D 42 25.02 -16.88 -13.53
CA SER D 42 25.94 -17.91 -14.08
C SER D 42 25.51 -19.22 -13.38
N TYR D 43 25.00 -20.15 -14.17
CA TYR D 43 24.50 -21.38 -13.67
C TYR D 43 25.44 -22.56 -13.96
N ASP D 44 25.99 -23.16 -12.91
CA ASP D 44 26.91 -24.26 -13.06
C ASP D 44 26.43 -25.49 -12.36
N GLY D 45 25.61 -26.24 -13.10
CA GLY D 45 25.01 -27.43 -12.59
C GLY D 45 25.98 -28.61 -12.40
N LEU D 46 27.13 -28.62 -13.08
CA LEU D 46 28.12 -29.66 -12.87
C LEU D 46 28.80 -29.52 -11.53
N ASN D 47 29.10 -28.30 -11.09
CA ASN D 47 29.76 -28.09 -9.79
C ASN D 47 28.82 -27.64 -8.71
N GLN D 48 27.51 -27.69 -9.02
CA GLN D 48 26.44 -27.19 -8.14
C GLN D 48 26.65 -25.78 -7.56
N ARG D 49 26.93 -24.85 -8.44
CA ARG D 49 27.10 -23.51 -7.98
C ARG D 49 26.44 -22.50 -8.88
N VAL D 50 26.02 -21.42 -8.25
CA VAL D 50 25.36 -20.29 -8.96
C VAL D 50 25.91 -18.96 -8.51
N ARG D 51 26.10 -18.06 -9.46
CA ARG D 51 26.47 -16.68 -9.20
C ARG D 51 25.39 -15.75 -9.79
N VAL D 52 24.91 -14.85 -8.95
CA VAL D 52 23.87 -13.92 -9.30
C VAL D 52 24.44 -12.50 -9.06
N LEU D 53 24.40 -11.65 -10.08
CA LEU D 53 24.84 -10.26 -10.00
C LEU D 53 23.67 -9.33 -10.33
N ASP D 54 23.05 -8.79 -9.29
CA ASP D 54 22.01 -7.76 -9.38
C ASP D 54 22.30 -6.74 -10.48
N GLU D 55 21.35 -6.47 -11.34
CA GLU D 55 21.65 -5.55 -12.45
C GLU D 55 21.62 -4.08 -12.01
N ARG D 56 22.58 -3.35 -12.59
CA ARG D 56 23.02 -2.02 -12.15
C ARG D 56 21.95 -1.00 -12.49
N LYS D 57 21.24 -1.23 -13.60
CA LYS D 57 20.05 -0.49 -13.89
C LYS D 57 19.31 -0.31 -12.58
N ALA D 58 18.95 -1.44 -11.96
CA ALA D 58 18.15 -1.47 -10.72
C ALA D 58 17.11 -0.34 -10.65
N LEU D 59 17.37 0.67 -9.81
CA LEU D 59 16.47 1.81 -9.64
C LEU D 59 15.28 1.47 -8.74
N ILE D 60 15.54 0.70 -7.70
CA ILE D 60 14.51 0.11 -6.83
C ILE D 60 14.45 0.99 -5.57
N PRO D 61 13.45 0.76 -4.66
CA PRO D 61 13.53 1.28 -3.26
C PRO D 61 14.52 0.52 -2.35
N CYS D 62 15.62 0.06 -2.92
CA CYS D 62 16.75 -0.43 -2.19
C CYS D 62 17.89 0.51 -2.53
N LYS D 63 18.79 0.70 -1.59
CA LYS D 63 20.05 1.29 -1.93
C LYS D 63 20.89 0.22 -2.66
N ARG D 64 20.97 -0.96 -2.07
CA ARG D 64 22.16 -1.78 -2.19
C ARG D 64 22.11 -2.80 -3.35
N LEU D 65 23.14 -2.78 -4.18
CA LEU D 65 23.37 -3.80 -5.15
C LEU D 65 24.28 -4.93 -4.61
N PHE D 66 23.88 -6.19 -4.83
CA PHE D 66 24.66 -7.30 -4.35
C PHE D 66 25.04 -8.29 -5.44
N GLU D 67 26.08 -9.05 -5.10
CA GLU D 67 26.48 -10.24 -5.80
C GLU D 67 26.39 -11.39 -4.83
N TYR D 68 25.83 -12.50 -5.31
CA TYR D 68 25.75 -13.71 -4.57
C TYR D 68 26.45 -14.86 -5.29
N ILE D 69 27.23 -15.61 -4.53
CA ILE D 69 27.87 -16.78 -5.02
C ILE D 69 27.44 -17.87 -4.11
N LEU D 70 26.68 -18.78 -4.68
CA LEU D 70 26.11 -19.86 -3.92
C LEU D 70 26.90 -21.15 -4.24
N LEU D 71 27.59 -21.66 -3.24
CA LEU D 71 28.33 -22.94 -3.32
C LEU D 71 27.64 -24.06 -2.53
N TYR D 72 26.82 -24.83 -3.21
CA TYR D 72 25.99 -25.76 -2.50
C TYR D 72 26.77 -26.95 -1.92
N LYS D 73 27.92 -27.30 -2.51
CA LYS D 73 28.74 -28.39 -1.96
C LYS D 73 29.33 -28.00 -0.64
N GLU D 74 29.62 -26.71 -0.48
CA GLU D 74 30.22 -26.24 0.75
C GLU D 74 29.24 -25.67 1.71
N GLY D 75 27.99 -25.51 1.29
CA GLY D 75 26.93 -24.95 2.20
C GLY D 75 27.05 -23.48 2.48
N VAL D 76 27.53 -22.71 1.51
CA VAL D 76 27.66 -21.31 1.76
C VAL D 76 27.31 -20.39 0.62
N MET D 77 26.67 -19.31 1.00
CA MET D 77 26.36 -18.19 0.13
C MET D 77 27.17 -16.96 0.55
N PHE D 78 27.90 -16.42 -0.39
CA PHE D 78 28.58 -15.19 -0.16
C PHE D 78 27.71 -14.10 -0.71
N GLN D 79 27.48 -13.09 0.12
CA GLN D 79 26.77 -11.87 -0.22
C GLN D 79 27.81 -10.78 -0.24
N ILE D 80 28.04 -10.24 -1.43
CA ILE D 80 29.07 -9.25 -1.73
C ILE D 80 28.43 -7.92 -2.21
N GLU D 81 28.66 -6.82 -1.50
CA GLU D 81 28.19 -5.53 -1.99
C GLU D 81 29.03 -5.10 -3.13
N GLN D 82 28.40 -4.73 -4.24
CA GLN D 82 29.13 -4.49 -5.51
C GLN D 82 30.11 -3.31 -5.43
N ALA D 83 29.73 -2.28 -4.74
CA ALA D 83 30.61 -1.10 -4.63
C ALA D 83 31.74 -1.35 -3.62
N THR D 84 31.35 -1.47 -2.34
CA THR D 84 32.24 -1.73 -1.20
C THR D 84 33.14 -2.96 -1.31
N LYS D 85 32.65 -4.04 -1.94
CA LYS D 85 33.22 -5.41 -1.82
C LYS D 85 33.09 -5.97 -0.40
N GLN D 86 32.31 -5.31 0.42
CA GLN D 86 32.01 -5.77 1.79
C GLN D 86 31.18 -7.05 1.66
N CYS D 87 31.42 -8.00 2.57
CA CYS D 87 31.05 -9.40 2.32
C CYS D 87 30.38 -10.05 3.54
N ALA D 88 29.39 -10.89 3.31
CA ALA D 88 28.82 -11.67 4.43
C ALA D 88 28.82 -13.08 4.00
N LYS D 89 29.03 -13.96 4.98
CA LYS D 89 29.05 -15.41 4.78
C LYS D 89 27.81 -15.98 5.44
N ILE D 90 26.99 -16.64 4.67
CA ILE D 90 25.65 -17.02 5.11
C ILE D 90 25.55 -18.54 4.85
N PRO D 91 25.05 -19.30 5.83
CA PRO D 91 24.93 -20.72 5.59
C PRO D 91 23.89 -20.96 4.54
N LEU D 92 24.10 -21.95 3.70
CA LEU D 92 23.15 -22.35 2.68
C LEU D 92 22.97 -23.82 2.94
N VAL D 93 21.86 -24.14 3.60
CA VAL D 93 21.59 -25.48 4.09
C VAL D 93 20.67 -26.24 3.08
N GLU D 94 19.95 -25.49 2.25
CA GLU D 94 18.99 -26.05 1.30
C GLU D 94 19.73 -26.94 0.34
N SER D 95 19.14 -28.04 -0.08
CA SER D 95 19.87 -28.96 -0.96
C SER D 95 19.82 -28.45 -2.39
N TRP D 96 20.85 -28.76 -3.15
CA TRP D 96 20.92 -28.46 -4.56
C TRP D 96 19.70 -29.02 -5.29
N ASP D 97 19.05 -28.20 -6.10
CA ASP D 97 17.99 -28.69 -6.96
C ASP D 97 18.27 -28.17 -8.37
N PRO D 98 18.68 -29.04 -9.29
CA PRO D 98 19.11 -28.45 -10.55
C PRO D 98 17.92 -27.83 -11.31
N LEU D 99 18.23 -26.94 -12.20
CA LEU D 99 17.27 -26.38 -13.09
C LEU D 99 17.21 -27.26 -14.37
N ASP D 100 16.34 -28.25 -14.34
CA ASP D 100 16.15 -29.15 -15.46
C ASP D 100 14.77 -29.80 -15.33
N ILE D 101 14.37 -30.70 -16.24
CA ILE D 101 13.04 -31.32 -16.15
C ILE D 101 13.29 -32.74 -15.60
N PRO D 102 12.85 -33.02 -14.34
CA PRO D 102 12.98 -34.38 -13.83
C PRO D 102 12.31 -35.38 -14.77
N GLN D 103 12.89 -36.57 -14.88
CA GLN D 103 12.41 -37.61 -15.80
C GLN D 103 10.92 -38.01 -15.64
N ASN D 104 10.44 -38.04 -14.43
CA ASN D 104 9.05 -38.37 -14.19
C ASN D 104 8.07 -37.20 -14.18
N SER D 105 8.41 -36.08 -14.79
CA SER D 105 7.50 -34.91 -14.82
C SER D 105 6.26 -35.11 -15.68
N THR D 106 5.17 -34.44 -15.35
CA THR D 106 3.97 -34.49 -16.13
C THR D 106 4.08 -33.50 -17.26
N PHE D 107 3.81 -33.93 -18.47
CA PHE D 107 3.88 -33.07 -19.64
C PHE D 107 2.58 -32.31 -19.64
N GLU D 108 2.57 -31.00 -19.61
CA GLU D 108 1.29 -30.30 -19.57
C GLU D 108 0.89 -29.79 -20.94
N ASP D 109 1.82 -29.34 -21.76
CA ASP D 109 1.42 -28.74 -23.04
C ASP D 109 2.61 -28.35 -23.86
N GLN D 110 2.37 -28.21 -25.15
CA GLN D 110 3.34 -27.66 -26.05
C GLN D 110 2.63 -26.65 -26.93
N TYR D 111 3.22 -25.50 -27.13
CA TYR D 111 2.53 -24.42 -27.79
C TYR D 111 3.51 -23.44 -28.36
N SER D 112 3.02 -22.56 -29.22
CA SER D 112 3.86 -21.53 -29.84
C SER D 112 3.69 -20.19 -29.23
N ILE D 113 4.78 -19.45 -29.16
CA ILE D 113 4.64 -18.05 -28.82
C ILE D 113 5.12 -17.21 -29.97
N GLY D 114 4.51 -16.06 -30.08
CA GLY D 114 4.76 -15.22 -31.22
C GLY D 114 3.87 -15.51 -32.40
N GLY D 115 4.16 -14.82 -33.50
CA GLY D 115 3.41 -14.83 -34.70
C GLY D 115 4.24 -15.21 -35.92
N PRO D 116 3.72 -14.87 -37.10
CA PRO D 116 4.26 -15.30 -38.39
C PRO D 116 5.73 -14.94 -38.51
N GLN D 117 6.03 -13.72 -38.13
CA GLN D 117 7.37 -13.24 -38.30
C GLN D 117 8.47 -13.91 -37.47
N GLU D 118 8.14 -14.36 -36.25
CA GLU D 118 9.12 -14.88 -35.29
C GLU D 118 8.33 -15.54 -34.23
N GLN D 119 8.51 -16.83 -34.13
CA GLN D 119 7.79 -17.59 -33.17
C GLN D 119 8.57 -18.79 -32.74
N ILE D 120 8.28 -19.36 -31.58
CA ILE D 120 8.96 -20.61 -31.24
C ILE D 120 8.05 -21.50 -30.48
N LEU D 121 8.48 -22.76 -30.44
CA LEU D 121 7.83 -23.74 -29.67
C LEU D 121 8.37 -23.81 -28.25
N VAL D 122 7.47 -24.10 -27.33
CA VAL D 122 7.74 -24.09 -25.91
C VAL D 122 6.91 -25.22 -25.33
N GLN D 123 7.46 -25.86 -24.30
CA GLN D 123 6.76 -26.85 -23.51
C GLN D 123 6.56 -26.52 -22.00
N GLU D 124 5.43 -26.96 -21.45
CA GLU D 124 5.17 -26.78 -20.05
C GLU D 124 5.20 -28.15 -19.34
N TRP D 125 5.92 -28.23 -18.23
CA TRP D 125 6.08 -29.45 -17.47
C TRP D 125 5.71 -29.19 -16.02
N SER D 126 5.16 -30.20 -15.35
CA SER D 126 4.83 -30.06 -13.95
C SER D 126 5.10 -31.26 -13.05
N ASP D 127 4.81 -31.09 -11.78
CA ASP D 127 4.85 -32.19 -10.88
C ASP D 127 3.40 -32.65 -10.51
N ARG D 128 2.39 -32.22 -11.27
CA ARG D 128 0.98 -32.60 -11.04
C ARG D 128 0.71 -34.08 -11.26
N ARG D 129 0.02 -34.67 -10.29
CA ARG D 129 -0.51 -36.02 -10.39
C ARG D 129 -2.01 -35.90 -10.58
N THR D 130 -2.51 -36.11 -11.81
CA THR D 130 -3.95 -35.91 -12.12
C THR D 130 -4.90 -36.61 -11.14
N ALA D 131 -4.34 -37.57 -10.38
CA ALA D 131 -4.83 -37.97 -9.03
C ALA D 131 -5.21 -36.75 -8.13
N ARG D 132 -4.47 -36.48 -7.04
CA ARG D 132 -4.67 -35.21 -6.31
C ARG D 132 -4.12 -34.12 -7.23
N SER D 133 -4.95 -33.68 -8.19
CA SER D 133 -4.54 -32.80 -9.29
C SER D 133 -4.19 -31.38 -8.81
N TYR D 134 -2.94 -31.21 -8.37
CA TYR D 134 -2.51 -29.95 -7.76
C TYR D 134 -1.00 -29.73 -8.06
N GLU D 135 -0.70 -28.70 -8.83
CA GLU D 135 0.69 -28.34 -9.16
C GLU D 135 1.44 -27.71 -7.99
N THR D 136 2.67 -28.11 -7.78
CA THR D 136 3.55 -27.49 -6.83
C THR D 136 4.75 -26.86 -7.58
N TRP D 137 5.07 -27.38 -8.74
CA TRP D 137 6.25 -26.96 -9.49
C TRP D 137 5.83 -26.91 -10.94
N ILE D 138 6.17 -25.85 -11.63
CA ILE D 138 5.96 -25.74 -13.06
C ILE D 138 7.22 -25.26 -13.72
N GLY D 139 7.58 -25.88 -14.84
CA GLY D 139 8.79 -25.55 -15.60
C GLY D 139 8.40 -25.34 -17.04
N VAL D 140 8.70 -24.17 -17.55
CA VAL D 140 8.48 -23.90 -18.98
C VAL D 140 9.84 -23.90 -19.68
N TYR D 141 9.99 -24.67 -20.77
CA TYR D 141 11.28 -24.79 -21.48
C TYR D 141 11.07 -24.71 -22.98
N THR D 142 11.99 -24.14 -23.71
CA THR D 142 11.84 -24.04 -25.18
C THR D 142 11.91 -25.49 -25.72
N ALA D 143 11.08 -25.86 -26.68
CA ALA D 143 11.06 -27.24 -27.21
C ALA D 143 12.32 -27.72 -27.94
N LYS D 144 12.98 -26.89 -28.75
CA LYS D 144 14.13 -27.35 -29.51
C LYS D 144 15.44 -27.28 -28.74
N ASP D 145 15.71 -26.15 -28.11
CA ASP D 145 16.97 -26.02 -27.42
C ASP D 145 16.86 -26.57 -25.99
N CYS D 146 15.63 -26.84 -25.51
CA CYS D 146 15.41 -27.18 -24.11
C CYS D 146 16.02 -26.15 -23.14
N TYR D 147 15.91 -24.92 -23.46
CA TYR D 147 16.44 -23.87 -22.57
C TYR D 147 15.35 -23.43 -21.58
N PRO D 148 15.73 -23.08 -20.34
CA PRO D 148 14.74 -22.67 -19.32
C PRO D 148 14.13 -21.33 -19.71
N VAL D 149 12.81 -21.23 -19.55
CA VAL D 149 12.07 -19.99 -19.82
C VAL D 149 11.47 -19.49 -18.52
N GLN D 150 10.84 -20.40 -17.78
CA GLN D 150 10.36 -20.03 -16.48
C GLN D 150 10.27 -21.18 -15.55
N GLU D 151 10.39 -20.93 -14.26
CA GLU D 151 10.22 -21.99 -13.23
C GLU D 151 9.44 -21.33 -12.10
N THR D 152 8.35 -21.95 -11.66
CA THR D 152 7.48 -21.36 -10.66
C THR D 152 7.17 -22.37 -9.56
N PHE D 153 7.17 -21.93 -8.32
CA PHE D 153 6.92 -22.86 -7.20
C PHE D 153 5.67 -22.36 -6.48
N ILE D 154 4.72 -23.26 -6.31
CA ILE D 154 3.49 -22.93 -5.69
C ILE D 154 3.43 -23.67 -4.36
N ARG D 155 2.99 -23.02 -3.29
CA ARG D 155 2.87 -23.64 -1.99
C ARG D 155 1.58 -23.10 -1.38
N ASN D 156 0.66 -24.02 -1.06
CA ASN D 156 -0.66 -23.69 -0.53
C ASN D 156 -1.31 -22.60 -1.37
N TYR D 157 -1.54 -22.93 -2.64
CA TYR D 157 -2.21 -22.02 -3.56
C TYR D 157 -1.50 -20.69 -3.85
N THR D 158 -0.30 -20.49 -3.30
CA THR D 158 0.41 -19.24 -3.47
C THR D 158 1.71 -19.42 -4.26
N VAL D 159 2.05 -18.44 -5.06
CA VAL D 159 3.31 -18.47 -5.75
C VAL D 159 4.33 -17.99 -4.81
N VAL D 160 5.25 -18.86 -4.40
CA VAL D 160 6.24 -18.45 -3.44
C VAL D 160 7.49 -18.03 -4.12
N MET D 161 7.76 -18.59 -5.28
CA MET D 161 8.92 -18.14 -6.05
C MET D 161 8.66 -18.41 -7.52
N SER D 162 9.13 -17.53 -8.37
CA SER D 162 8.97 -17.69 -9.79
C SER D 162 10.08 -16.90 -10.43
N THR D 163 10.69 -17.46 -11.48
CA THR D 163 11.89 -16.88 -12.00
C THR D 163 11.73 -16.96 -13.47
N ARG D 164 12.10 -15.90 -14.17
CA ARG D 164 12.20 -15.93 -15.64
C ARG D 164 13.63 -15.92 -16.11
N PHE D 165 13.92 -16.65 -17.17
CA PHE D 165 15.29 -16.73 -17.70
C PHE D 165 15.39 -16.35 -19.16
N PHE D 166 16.52 -15.75 -19.54
CA PHE D 166 16.72 -15.27 -20.89
C PHE D 166 18.19 -14.87 -21.15
N ASP D 167 18.48 -14.56 -22.39
CA ASP D 167 19.82 -14.32 -22.90
C ASP D 167 20.84 -15.39 -22.58
N VAL D 168 20.42 -16.62 -22.81
CA VAL D 168 21.13 -17.78 -22.34
C VAL D 168 22.21 -18.11 -23.33
N GLN D 169 23.44 -18.14 -22.83
CA GLN D 169 24.57 -18.66 -23.56
C GLN D 169 25.12 -19.86 -22.86
N LEU D 170 25.61 -20.83 -23.61
CA LEU D 170 26.07 -22.08 -23.06
C LEU D 170 27.46 -21.99 -22.46
N GLY D 171 27.72 -22.76 -21.43
CA GLY D 171 29.02 -22.73 -20.79
C GLY D 171 29.22 -21.60 -19.77
N ILE D 172 30.31 -21.75 -19.01
CA ILE D 172 30.83 -20.74 -18.18
C ILE D 172 32.05 -20.15 -18.91
N LYS D 173 32.05 -18.88 -19.30
CA LYS D 173 33.23 -18.28 -19.93
C LYS D 173 34.42 -18.17 -18.99
N ASP D 174 34.14 -17.71 -17.78
CA ASP D 174 35.16 -17.45 -16.80
C ASP D 174 34.80 -18.08 -15.45
N PRO D 175 35.30 -19.30 -15.19
CA PRO D 175 34.92 -19.97 -13.93
C PRO D 175 35.34 -19.29 -12.59
N SER D 176 36.20 -18.29 -12.65
CA SER D 176 36.53 -17.48 -11.49
C SER D 176 35.43 -16.51 -11.04
N VAL D 177 34.33 -16.35 -11.78
CA VAL D 177 33.20 -15.62 -11.21
C VAL D 177 32.70 -16.38 -9.98
N PHE D 178 33.06 -17.68 -9.85
CA PHE D 178 32.70 -18.42 -8.62
C PHE D 178 33.67 -18.25 -7.44
N THR D 179 34.71 -17.43 -7.57
CA THR D 179 35.74 -17.34 -6.53
C THR D 179 35.41 -16.04 -5.82
N PRO D 180 35.18 -16.06 -4.52
CA PRO D 180 34.88 -14.88 -3.75
C PRO D 180 36.06 -13.96 -3.67
N PRO D 181 35.83 -12.64 -3.54
CA PRO D 181 36.94 -11.70 -3.32
C PRO D 181 37.55 -11.86 -1.94
N SER D 182 38.72 -11.30 -1.79
CA SER D 182 39.58 -11.56 -0.65
C SER D 182 39.00 -10.84 0.51
N THR D 183 38.12 -9.88 0.24
CA THR D 183 37.35 -9.32 1.36
C THR D 183 36.46 -10.32 2.11
N CYS D 184 36.16 -11.47 1.50
CA CYS D 184 35.41 -12.50 2.21
C CYS D 184 36.22 -13.21 3.33
N GLN D 185 37.53 -12.97 3.38
CA GLN D 185 38.38 -13.38 4.50
C GLN D 185 38.04 -12.61 5.76
N ALA D 186 37.35 -11.48 5.65
CA ALA D 186 36.92 -10.79 6.85
C ALA D 186 35.41 -10.55 6.85
N ALA D 187 34.66 -11.53 6.38
CA ALA D 187 33.24 -11.44 6.31
C ALA D 187 32.52 -11.38 7.63
N GLN D 188 31.43 -10.64 7.66
CA GLN D 188 30.53 -10.63 8.78
C GLN D 188 29.60 -11.83 8.66
N PRO D 189 29.00 -12.25 9.77
CA PRO D 189 28.14 -13.45 9.75
C PRO D 189 26.67 -13.21 9.40
N GLU D 190 26.22 -11.97 9.47
CA GLU D 190 24.81 -11.72 9.25
C GLU D 190 24.67 -11.02 7.91
N LYS D 191 23.69 -11.46 7.15
CA LYS D 191 23.22 -10.77 5.97
C LYS D 191 23.26 -9.22 6.10
N MET D 192 23.69 -8.58 5.04
CA MET D 192 23.44 -7.18 4.81
C MET D 192 22.01 -7.01 4.29
N SER D 193 21.33 -5.95 4.70
CA SER D 193 19.94 -5.67 4.27
C SER D 193 19.81 -4.99 2.89
N ASP D 194 18.70 -5.24 2.22
CA ASP D 194 18.29 -4.50 1.00
C ASP D 194 18.29 -2.96 1.20
N GLY D 195 17.25 -2.42 1.83
CA GLY D 195 17.08 -0.96 1.87
C GLY D 195 15.65 -0.42 1.90
N CYS D 196 14.65 -1.23 1.52
CA CYS D 196 13.25 -0.86 1.78
C CYS D 196 12.83 -1.33 3.16
#